data_9GSH
#
_entry.id   9GSH
#
_cell.length_a   1.00
_cell.length_b   1.00
_cell.length_c   1.00
_cell.angle_alpha   90.00
_cell.angle_beta   90.00
_cell.angle_gamma   90.00
#
_symmetry.space_group_name_H-M   'P 1'
#
loop_
_entity.id
_entity.type
_entity.pdbx_description
1 polymer 'Plasma membrane calcium-transporting ATPase 2'
2 polymer Neuroplastin
3 non-polymer 'PHOSPHOAMINOPHOSPHONIC ACID-ADENYLATE ESTER'
4 non-polymer 'CALCIUM ION'
5 non-polymer 'MAGNESIUM ION'
6 non-polymer '(2S)-1-{[(R)-hydroxy{[(1R,2R,3S,4R,5R,6S)-2,3,6-trihydroxy-4,5-bis(phosphonooxy)cyclohexyl]oxy}phosphoryl]oxy}-3-(octadecanoyloxy)propan-2-yl icosa-5,8,11,14-tetraenoate'
7 non-polymer 2-acetamido-2-deoxy-beta-D-glucopyranose
#
loop_
_entity_poly.entity_id
_entity_poly.type
_entity_poly.pdbx_seq_one_letter_code
_entity_poly.pdbx_strand_id
1 'polypeptide(L)'
;MGDMTNSDFYSKNQRNESSHGGEFGCTMEELRSLMELRGTEAVVKIKETYGDTEAICRRLKTSPVEGLPGTAPDLEKRKQ
IFGQNFIPPKKPKTFLQLVWEALQDVTLIILEIAAIISLGLSFYHPPGESNEGCATAQGGAEDEGEAEAGWIEGAAILLS
VICVVLVTAFNDWSKEKQFRGLQSRIEQEQKFTVVRAGQVVQIPVAEIVVGDIAQIKYGDLLPADGLFIQGNDLKIDESS
LTGESDQVRKSVDKDPMLLSGTHVMEGSGRMVVTAVGVNSQTGIIFTLLGAGGEEEEKKDKKAKQQDGAAAMEMQPLKSA
EGGDADDKKKANMHKKEKSVLQGKLTKLAVQIGKAGLVMSAITVIILVLYFTVDTFVVNKKPWLTECTPVYVQYFVKFFI
IGVTVLVVAVPEGLPLAVTISLAYSVKKMMKDNNLVRHLDACETMGNATAICSDKTGTLTTNRMTVVQAYVGDVHYKEIP
DPSSINAKTLELLVNAIAINSAYTTKILPPEKEGALPRQVGNKTECGLLGFVLDLRQDYEPVRSQMPEEKLYKVYTFNSV
RKSMSTVIKMPDESFRMYSKGASEIVLKKCCKILSGAGEARVFRPRDRDEMVKKVIEPMACDGLRTICVAYRDFPSSPEP
DWDNENDILNELTCICVVGIEDPVRPEVPEAIRKCQRAGITVRMVTGDNINTARAIAIKCGIIHPGEDFLCLEGKEFNRR
IRNEKGEIEQERIDKIWPKLRVLARSSPTDKHTLVKGIIDSTHTEQRQVVAVTGDGTNDGPALKKADVGFAMGIAGTDVA
KEASDIILTDDNFSSIVKAVMWGRNVYDSISKFLQFQLTVNVVAVIVAFTGACITQDSPLKAVQMLWVNLIMDTFASLAL
ATEPPTETLLLRKPYGRNKPLISRTMMKNILGHAVYQLTLIFTLLFVGEKMFQIDSGRNAPLHSPPSEHYTIIFNTFVMM
QLFNEINARKIHGERNVFDGIFRNPIFCTIVLGTFAIQIVIVQFGGKPFSCSPLQLDQWMWCIFIGLGELVWGQVIATIP
TSRLKFLKEAGRLTQKEEIPEEELNEDVEEIDHAERELRRGQILWFRGLNRIQTQIRVVKAFRSSLYEGLEKPESRTSIH
NFMAHPEFRIEDSQPHIPLIDDTDLEEDAALKQNSSPPSSLNKNNSAIDSGINLTTDTSKSATSSSPGSPIHSLETSLEN
LYFQGGDYKDDDDK
;
A
2 'polypeptide(L)'
;MSGSSLPGALALSLLLVSGSLLPGPGAAQNAGFVKSPMSETKLTGDAFELYCDVVGSPTPEIQWWYAEVNRAESFRQLWD
GARKRRVTVNTAYGSNGVSVLRITRLTLEDSGTYECRASNDPKRNDLRQNPSITWIRAQATISVLQKPRIVTSEEVIIRE
SLLPVTLQCNLTSSSHTLMYSYWTRNGVELTATRKNASNMEYRINKPRAEDSGEYHCVYHFVSAPKANATIEVKAAPDIT
GHKRSENKNEGQDAMMYCKSVGYPHPEWIWRKKENGVFEEISNSSGRFFITNKENYTELSIVNLQITEDPGEYECNATNS
IGSASVSTVLRVRSHLAPLWPFLGILAEIIILVVIIVVYEKRKRPDEVPDDDEPAGPMKTNSTNNHKDKNLRQRNTNENL
YFQGGHHHHHHHH
;
B
#
# COMPACT_ATOMS: atom_id res chain seq x y z
N THR A 27 9.79 -46.35 -21.52
CA THR A 27 10.07 -45.26 -20.59
C THR A 27 9.99 -43.90 -21.27
N MET A 28 9.52 -42.90 -20.53
CA MET A 28 9.49 -41.54 -21.05
C MET A 28 10.88 -40.97 -21.29
N GLU A 29 11.90 -41.50 -20.60
CA GLU A 29 13.25 -40.93 -20.73
C GLU A 29 13.79 -41.11 -22.13
N GLU A 30 13.55 -42.27 -22.74
CA GLU A 30 14.03 -42.52 -24.09
C GLU A 30 13.37 -41.57 -25.09
N LEU A 31 12.06 -41.38 -24.97
CA LEU A 31 11.36 -40.45 -25.86
C LEU A 31 11.87 -39.03 -25.68
N ARG A 32 12.07 -38.60 -24.43
CA ARG A 32 12.62 -37.26 -24.18
C ARG A 32 13.99 -37.10 -24.85
N SER A 33 14.90 -38.05 -24.61
CA SER A 33 16.22 -37.98 -25.25
C SER A 33 16.10 -38.00 -26.77
N LEU A 34 15.10 -38.71 -27.30
CA LEU A 34 14.87 -38.73 -28.74
C LEU A 34 14.51 -37.35 -29.27
N MET A 35 13.56 -36.69 -28.60
CA MET A 35 13.05 -35.40 -29.06
C MET A 35 13.97 -34.24 -28.71
N GLU A 36 15.04 -34.49 -27.95
CA GLU A 36 16.00 -33.44 -27.61
C GLU A 36 16.86 -33.03 -28.80
N LEU A 37 16.87 -33.80 -29.89
CA LEU A 37 17.74 -33.48 -31.02
C LEU A 37 17.48 -32.06 -31.54
N ARG A 38 16.20 -31.75 -31.76
CA ARG A 38 15.73 -30.44 -32.22
C ARG A 38 16.47 -29.98 -33.47
N GLY A 39 16.44 -30.84 -34.49
CA GLY A 39 17.10 -30.52 -35.74
C GLY A 39 16.47 -31.23 -36.92
N THR A 40 17.07 -31.09 -38.11
CA THR A 40 16.56 -31.78 -39.30
C THR A 40 16.78 -33.29 -39.25
N GLU A 41 17.67 -33.77 -38.37
CA GLU A 41 17.95 -35.19 -38.26
C GLU A 41 16.82 -35.98 -37.59
N ALA A 42 15.90 -35.30 -36.91
CA ALA A 42 14.80 -36.02 -36.25
C ALA A 42 14.03 -36.83 -37.28
N VAL A 43 13.73 -36.24 -38.44
CA VAL A 43 13.10 -36.97 -39.53
C VAL A 43 13.81 -38.31 -39.73
N VAL A 44 15.12 -38.26 -39.98
CA VAL A 44 15.85 -39.49 -40.25
C VAL A 44 15.66 -40.47 -39.11
N LYS A 45 15.86 -40.00 -37.88
CA LYS A 45 15.77 -40.88 -36.73
C LYS A 45 14.37 -41.51 -36.68
N ILE A 46 13.35 -40.68 -36.84
CA ILE A 46 11.98 -41.17 -36.72
C ILE A 46 11.71 -42.20 -37.81
N LYS A 47 12.25 -41.98 -39.00
CA LYS A 47 12.03 -42.93 -40.08
C LYS A 47 12.84 -44.21 -39.85
N GLU A 48 14.02 -44.08 -39.25
CA GLU A 48 14.94 -45.21 -39.19
C GLU A 48 14.61 -46.17 -38.05
N THR A 49 13.96 -45.69 -37.00
CA THR A 49 13.67 -46.49 -35.82
C THR A 49 12.19 -46.68 -35.56
N TYR A 50 11.41 -45.59 -35.56
CA TYR A 50 10.04 -45.61 -35.06
C TYR A 50 9.00 -45.55 -36.17
N GLY A 51 9.42 -45.53 -37.44
CA GLY A 51 8.45 -45.47 -38.52
C GLY A 51 7.57 -44.24 -38.44
N ASP A 52 6.26 -44.45 -38.59
CA ASP A 52 5.28 -43.40 -38.47
C ASP A 52 4.78 -43.33 -37.03
N THR A 53 3.71 -42.56 -36.79
CA THR A 53 3.20 -42.40 -35.44
C THR A 53 2.50 -43.67 -34.96
N GLU A 54 1.69 -44.30 -35.82
CA GLU A 54 0.86 -45.42 -35.41
C GLU A 54 1.66 -46.72 -35.27
N ALA A 55 2.90 -46.78 -35.76
CA ALA A 55 3.69 -47.98 -35.61
C ALA A 55 4.01 -48.27 -34.15
N ILE A 56 4.30 -47.23 -33.37
CA ILE A 56 4.68 -47.37 -31.97
C ILE A 56 3.71 -46.63 -31.05
N CYS A 57 2.66 -46.01 -31.59
CA CYS A 57 1.61 -45.43 -30.76
C CYS A 57 1.01 -46.47 -29.81
N ARG A 58 0.97 -47.74 -30.23
CA ARG A 58 0.49 -48.81 -29.36
C ARG A 58 1.34 -48.96 -28.10
N ARG A 59 2.64 -48.65 -28.18
CA ARG A 59 3.51 -48.70 -27.01
C ARG A 59 3.08 -47.66 -25.97
N LEU A 60 2.75 -46.45 -26.43
CA LEU A 60 2.26 -45.42 -25.54
C LEU A 60 0.86 -45.72 -25.00
N LYS A 61 0.21 -46.76 -25.53
CA LYS A 61 -1.14 -47.16 -25.13
C LYS A 61 -2.14 -46.06 -25.43
N THR A 62 -2.31 -45.71 -26.70
CA THR A 62 -3.19 -44.60 -27.04
C THR A 62 -3.87 -44.88 -28.38
N SER A 63 -5.20 -44.73 -28.40
CA SER A 63 -5.97 -44.86 -29.63
C SER A 63 -6.25 -43.47 -30.18
N PRO A 64 -5.68 -43.09 -31.32
CA PRO A 64 -5.84 -41.71 -31.81
C PRO A 64 -7.28 -41.35 -32.15
N VAL A 65 -7.91 -42.14 -33.02
CA VAL A 65 -9.25 -41.79 -33.50
C VAL A 65 -10.28 -41.98 -32.39
N GLU A 66 -10.19 -43.08 -31.65
CA GLU A 66 -11.22 -43.39 -30.65
C GLU A 66 -11.09 -42.50 -29.42
N GLY A 67 -9.87 -42.09 -29.08
CA GLY A 67 -9.67 -41.30 -27.88
C GLY A 67 -9.71 -42.14 -26.62
N LEU A 68 -9.79 -41.44 -25.48
CA LEU A 68 -9.83 -42.09 -24.18
C LEU A 68 -11.04 -41.58 -23.40
N PRO A 69 -11.85 -42.47 -22.83
CA PRO A 69 -13.01 -42.02 -22.05
C PRO A 69 -12.64 -41.14 -20.86
N GLY A 70 -11.50 -41.41 -20.21
CA GLY A 70 -11.08 -40.61 -19.09
C GLY A 70 -11.41 -41.21 -17.75
N THR A 71 -11.23 -42.53 -17.62
CA THR A 71 -11.51 -43.22 -16.37
C THR A 71 -10.28 -43.24 -15.48
N ALA A 72 -10.51 -43.25 -14.16
CA ALA A 72 -9.41 -43.23 -13.20
C ALA A 72 -8.51 -44.46 -13.31
N PRO A 73 -9.02 -45.70 -13.43
CA PRO A 73 -8.10 -46.84 -13.60
C PRO A 73 -7.24 -46.72 -14.85
N ASP A 74 -7.80 -46.20 -15.94
CA ASP A 74 -7.00 -46.00 -17.15
C ASP A 74 -5.91 -44.97 -16.91
N LEU A 75 -6.23 -43.90 -16.19
CA LEU A 75 -5.23 -42.90 -15.85
C LEU A 75 -4.11 -43.50 -15.02
N GLU A 76 -4.47 -44.32 -14.03
CA GLU A 76 -3.45 -44.96 -13.19
C GLU A 76 -2.59 -45.92 -13.99
N LYS A 77 -3.22 -46.70 -14.89
CA LYS A 77 -2.47 -47.67 -15.69
C LYS A 77 -1.50 -46.97 -16.64
N ARG A 78 -1.95 -45.90 -17.30
CA ARG A 78 -1.10 -45.19 -18.24
C ARG A 78 -0.13 -44.22 -17.56
N LYS A 79 -0.33 -43.92 -16.29
CA LYS A 79 0.57 -43.04 -15.55
C LYS A 79 1.12 -43.75 -14.32
N GLN A 80 1.55 -45.00 -14.49
CA GLN A 80 2.05 -45.78 -13.36
C GLN A 80 3.32 -45.19 -12.78
N ILE A 81 4.11 -44.48 -13.58
CA ILE A 81 5.37 -43.92 -13.13
C ILE A 81 5.41 -42.42 -13.40
N PHE A 82 4.23 -41.78 -13.41
CA PHE A 82 4.19 -40.34 -13.67
C PHE A 82 4.81 -39.56 -12.51
N GLY A 83 4.59 -40.02 -11.27
CA GLY A 83 5.12 -39.33 -10.11
C GLY A 83 4.27 -38.16 -9.69
N GLN A 84 4.39 -37.05 -10.43
CA GLN A 84 3.62 -35.85 -10.16
C GLN A 84 3.67 -34.94 -11.39
N ASN A 85 2.82 -33.92 -11.38
CA ASN A 85 2.80 -32.92 -12.43
C ASN A 85 3.91 -31.91 -12.16
N PHE A 86 3.88 -30.78 -12.87
CA PHE A 86 4.85 -29.70 -12.64
C PHE A 86 4.52 -29.04 -11.31
N ILE A 87 5.24 -29.44 -10.26
CA ILE A 87 4.99 -28.86 -8.94
C ILE A 87 5.30 -27.37 -8.98
N PRO A 88 4.51 -26.53 -8.34
CA PRO A 88 4.84 -25.10 -8.26
C PRO A 88 6.23 -24.89 -7.69
N PRO A 89 6.82 -23.70 -7.90
CA PRO A 89 8.19 -23.45 -7.42
C PRO A 89 8.40 -23.79 -5.94
N LYS A 90 9.65 -23.99 -5.55
CA LYS A 90 9.98 -24.54 -4.24
C LYS A 90 9.50 -23.65 -3.10
N LYS A 91 9.23 -22.36 -3.37
CA LYS A 91 8.87 -21.40 -2.35
C LYS A 91 9.97 -21.33 -1.29
N PRO A 92 11.12 -20.75 -1.61
CA PRO A 92 12.17 -20.59 -0.60
C PRO A 92 11.89 -19.50 0.41
N LYS A 93 10.91 -18.63 0.16
CA LYS A 93 10.62 -17.49 1.02
C LYS A 93 9.66 -17.94 2.10
N THR A 94 10.19 -18.30 3.27
CA THR A 94 9.37 -18.57 4.43
C THR A 94 9.22 -17.29 5.26
N PHE A 95 8.46 -17.39 6.35
CA PHE A 95 8.28 -16.22 7.21
C PHE A 95 9.59 -15.78 7.82
N LEU A 96 10.42 -16.73 8.25
CA LEU A 96 11.72 -16.37 8.81
C LEU A 96 12.64 -15.77 7.75
N GLN A 97 12.61 -16.31 6.53
CA GLN A 97 13.42 -15.75 5.46
C GLN A 97 12.98 -14.33 5.13
N LEU A 98 11.68 -14.09 5.06
CA LEU A 98 11.18 -12.74 4.80
C LEU A 98 11.54 -11.79 5.95
N VAL A 99 11.49 -12.28 7.19
CA VAL A 99 11.88 -11.46 8.33
C VAL A 99 13.34 -11.06 8.22
N TRP A 100 14.21 -12.03 7.87
CA TRP A 100 15.63 -11.72 7.72
C TRP A 100 15.86 -10.74 6.57
N GLU A 101 15.12 -10.90 5.47
CA GLU A 101 15.27 -9.99 4.34
C GLU A 101 14.84 -8.57 4.71
N ALA A 102 13.72 -8.43 5.42
CA ALA A 102 13.24 -7.11 5.80
C ALA A 102 14.06 -6.50 6.93
N LEU A 103 14.80 -7.32 7.67
CA LEU A 103 15.62 -6.81 8.77
C LEU A 103 16.76 -5.94 8.25
N GLN A 104 17.34 -6.32 7.12
CA GLN A 104 18.46 -5.58 6.54
C GLN A 104 17.99 -4.45 5.64
N ASP A 105 17.11 -3.60 6.18
CA ASP A 105 16.68 -2.38 5.51
C ASP A 105 17.57 -1.23 5.95
N VAL A 106 17.86 -0.32 5.01
CA VAL A 106 18.77 0.77 5.30
C VAL A 106 18.24 1.64 6.43
N THR A 107 16.94 1.91 6.43
CA THR A 107 16.37 2.77 7.45
C THR A 107 16.34 2.09 8.82
N LEU A 108 16.05 0.79 8.85
CA LEU A 108 15.95 0.07 10.12
C LEU A 108 17.31 -0.26 10.71
N ILE A 109 18.37 -0.27 9.89
CA ILE A 109 19.72 -0.51 10.42
C ILE A 109 20.09 0.57 11.43
N ILE A 110 19.80 1.82 11.09
CA ILE A 110 20.09 2.92 12.00
C ILE A 110 19.36 2.74 13.33
N LEU A 111 18.07 2.39 13.24
CA LEU A 111 17.27 2.27 14.46
C LEU A 111 17.77 1.14 15.35
N GLU A 112 18.07 -0.01 14.75
CA GLU A 112 18.52 -1.14 15.59
C GLU A 112 19.92 -0.89 16.14
N ILE A 113 20.80 -0.25 15.36
CA ILE A 113 22.12 0.10 15.88
C ILE A 113 21.99 1.06 17.06
N ALA A 114 21.14 2.08 16.91
CA ALA A 114 20.96 3.05 17.98
C ALA A 114 20.35 2.40 19.22
N ALA A 115 19.43 1.44 19.02
CA ALA A 115 18.88 0.71 20.16
C ALA A 115 19.96 -0.07 20.87
N ILE A 116 20.88 -0.67 20.10
CA ILE A 116 21.98 -1.41 20.73
C ILE A 116 22.85 -0.46 21.55
N ILE A 117 23.18 0.71 21.01
CA ILE A 117 23.97 1.67 21.77
C ILE A 117 23.24 2.09 23.03
N SER A 118 21.94 2.36 22.94
CA SER A 118 21.20 2.80 24.12
C SER A 118 21.17 1.70 25.19
N LEU A 119 20.92 0.46 24.79
CA LEU A 119 20.86 -0.64 25.75
C LEU A 119 22.22 -0.87 26.41
N GLY A 120 23.29 -0.80 25.62
CA GLY A 120 24.62 -0.94 26.21
C GLY A 120 24.97 0.20 27.15
N LEU A 121 24.58 1.42 26.79
CA LEU A 121 24.92 2.60 27.58
C LEU A 121 24.09 2.71 28.84
N SER A 122 22.91 2.08 28.89
CA SER A 122 22.05 2.20 30.06
C SER A 122 22.73 1.63 31.31
N PHE A 123 23.08 0.34 31.28
CA PHE A 123 23.68 -0.31 32.43
C PHE A 123 25.10 0.22 32.62
N TYR A 124 25.31 0.98 33.70
CA TYR A 124 26.63 1.52 34.02
C TYR A 124 26.74 1.73 35.52
N ALA A 149 15.21 4.47 35.11
CA ALA A 149 15.31 3.22 34.37
C ALA A 149 15.74 3.49 32.93
N GLY A 150 17.05 3.42 32.67
CA GLY A 150 17.55 3.67 31.34
C GLY A 150 17.18 2.61 30.33
N TRP A 151 17.06 1.35 30.78
CA TRP A 151 16.74 0.27 29.85
C TRP A 151 15.44 0.53 29.12
N ILE A 152 14.50 1.24 29.76
CA ILE A 152 13.20 1.50 29.15
C ILE A 152 13.31 2.28 27.87
N GLU A 153 14.46 2.92 27.61
CA GLU A 153 14.64 3.57 26.32
C GLU A 153 14.74 2.53 25.21
N GLY A 154 15.67 1.58 25.36
CA GLY A 154 15.96 0.70 24.25
C GLY A 154 14.78 -0.14 23.81
N ALA A 155 14.00 -0.64 24.77
CA ALA A 155 12.83 -1.44 24.43
C ALA A 155 11.94 -0.68 23.46
N ALA A 156 11.73 0.62 23.70
CA ALA A 156 10.86 1.38 22.82
C ALA A 156 11.35 1.28 21.38
N ILE A 157 12.63 1.57 21.14
CA ILE A 157 13.14 1.48 19.78
C ILE A 157 12.95 0.08 19.25
N LEU A 158 13.28 -0.92 20.07
CA LEU A 158 13.16 -2.30 19.61
C LEU A 158 11.73 -2.58 19.20
N LEU A 159 10.76 -2.11 20.00
CA LEU A 159 9.38 -2.40 19.69
C LEU A 159 9.02 -1.86 18.32
N SER A 160 9.43 -0.62 18.03
CA SER A 160 9.15 -0.06 16.72
C SER A 160 9.66 -0.97 15.63
N VAL A 161 10.94 -1.36 15.71
CA VAL A 161 11.51 -2.20 14.68
C VAL A 161 10.70 -3.48 14.57
N ILE A 162 10.39 -4.10 15.72
CA ILE A 162 9.67 -5.36 15.68
C ILE A 162 8.38 -5.18 14.90
N CYS A 163 7.61 -4.16 15.27
CA CYS A 163 6.34 -3.97 14.60
C CYS A 163 6.55 -3.89 13.10
N VAL A 164 7.46 -3.03 12.67
CA VAL A 164 7.63 -2.83 11.24
C VAL A 164 7.94 -4.16 10.58
N VAL A 165 8.94 -4.88 11.09
CA VAL A 165 9.35 -6.07 10.38
C VAL A 165 8.20 -7.06 10.33
N LEU A 166 7.51 -7.24 11.46
CA LEU A 166 6.43 -8.20 11.46
C LEU A 166 5.43 -7.83 10.40
N VAL A 167 4.99 -6.57 10.40
CA VAL A 167 3.96 -6.18 9.46
C VAL A 167 4.43 -6.46 8.05
N THR A 168 5.66 -6.04 7.73
CA THR A 168 6.14 -6.22 6.38
C THR A 168 6.08 -7.69 6.01
N ALA A 169 6.69 -8.52 6.85
CA ALA A 169 6.75 -9.94 6.52
C ALA A 169 5.35 -10.47 6.33
N PHE A 170 4.45 -10.14 7.26
CA PHE A 170 3.11 -10.70 7.16
C PHE A 170 2.48 -10.33 5.83
N ASN A 171 2.50 -9.04 5.49
CA ASN A 171 1.79 -8.66 4.28
C ASN A 171 2.43 -9.33 3.07
N ASP A 172 3.75 -9.41 3.05
CA ASP A 172 4.42 -10.03 1.91
C ASP A 172 3.94 -11.46 1.79
N TRP A 173 3.98 -12.21 2.91
CA TRP A 173 3.57 -13.60 2.85
C TRP A 173 2.12 -13.69 2.41
N SER A 174 1.27 -12.81 2.95
CA SER A 174 -0.13 -12.85 2.55
C SER A 174 -0.26 -12.64 1.06
N LYS A 175 0.43 -11.62 0.53
CA LYS A 175 0.33 -11.36 -0.89
C LYS A 175 0.72 -12.60 -1.68
N GLU A 176 1.81 -13.24 -1.29
CA GLU A 176 2.27 -14.38 -2.07
C GLU A 176 1.20 -15.46 -2.08
N LYS A 177 0.60 -15.74 -0.92
CA LYS A 177 -0.43 -16.77 -0.88
C LYS A 177 -1.58 -16.40 -1.79
N GLN A 178 -2.01 -15.14 -1.76
CA GLN A 178 -3.10 -14.73 -2.62
C GLN A 178 -2.72 -14.97 -4.07
N PHE A 179 -1.50 -14.60 -4.45
CA PHE A 179 -1.07 -14.78 -5.83
C PHE A 179 -1.08 -16.26 -6.21
N ARG A 180 -0.69 -17.12 -5.28
CA ARG A 180 -0.72 -18.55 -5.58
C ARG A 180 -2.15 -19.05 -5.70
N GLY A 181 -3.04 -18.53 -4.86
CA GLY A 181 -4.42 -19.02 -4.86
C GLY A 181 -5.18 -18.59 -6.10
N LEU A 182 -5.05 -17.33 -6.49
CA LEU A 182 -5.82 -16.80 -7.61
C LEU A 182 -5.34 -17.37 -8.94
N GLN A 183 -4.02 -17.37 -9.15
CA GLN A 183 -3.44 -17.86 -10.40
C GLN A 183 -2.65 -19.13 -10.13
N SER A 184 -2.96 -20.19 -10.86
CA SER A 184 -2.32 -21.49 -10.66
C SER A 184 -1.45 -21.85 -11.85
N THR A 193 -11.51 -25.20 -19.34
CA THR A 193 -11.25 -26.55 -19.84
C THR A 193 -10.14 -26.54 -20.88
N VAL A 194 -9.17 -27.45 -20.73
CA VAL A 194 -8.06 -27.51 -21.66
C VAL A 194 -8.55 -28.01 -23.00
N VAL A 195 -8.07 -27.38 -24.07
CA VAL A 195 -8.45 -27.80 -25.42
C VAL A 195 -7.95 -29.22 -25.70
N ARG A 196 -6.90 -29.65 -25.00
CA ARG A 196 -6.37 -31.01 -25.08
C ARG A 196 -7.23 -31.90 -24.18
N ALA A 197 -8.39 -32.31 -24.73
CA ALA A 197 -9.37 -33.03 -23.93
C ALA A 197 -9.23 -34.54 -24.03
N GLY A 198 -8.93 -35.08 -25.22
CA GLY A 198 -8.92 -36.51 -25.41
C GLY A 198 -10.28 -37.04 -25.80
N GLN A 199 -11.25 -36.87 -24.92
CA GLN A 199 -12.64 -37.18 -25.26
C GLN A 199 -13.20 -36.12 -26.20
N VAL A 200 -14.33 -36.44 -26.82
CA VAL A 200 -15.01 -35.45 -27.67
C VAL A 200 -15.50 -34.29 -26.83
N VAL A 201 -15.73 -34.49 -25.55
CA VAL A 201 -16.14 -33.43 -24.64
C VAL A 201 -14.89 -32.81 -24.02
N GLN A 202 -15.01 -31.54 -23.62
CA GLN A 202 -13.89 -30.82 -23.03
C GLN A 202 -13.60 -31.33 -21.62
N ILE A 203 -12.32 -31.38 -21.27
CA ILE A 203 -11.89 -31.83 -19.96
C ILE A 203 -11.13 -30.67 -19.30
N PRO A 204 -11.11 -30.64 -17.97
CA PRO A 204 -10.48 -29.50 -17.27
C PRO A 204 -8.97 -29.44 -17.49
N VAL A 205 -8.43 -28.24 -17.25
CA VAL A 205 -7.02 -27.97 -17.51
C VAL A 205 -6.12 -28.77 -16.57
N ALA A 206 -6.53 -28.90 -15.31
CA ALA A 206 -5.67 -29.48 -14.27
C ALA A 206 -5.07 -30.82 -14.69
N GLU A 207 -5.92 -31.79 -14.99
CA GLU A 207 -5.43 -33.10 -15.38
C GLU A 207 -4.67 -33.01 -16.71
N ILE A 208 -3.54 -33.72 -16.76
CA ILE A 208 -2.69 -33.80 -17.94
C ILE A 208 -2.15 -35.23 -17.98
N VAL A 209 -2.40 -35.95 -19.06
CA VAL A 209 -2.06 -37.36 -19.14
C VAL A 209 -1.19 -37.62 -20.36
N VAL A 210 -0.46 -38.73 -20.33
CA VAL A 210 0.33 -39.19 -21.47
C VAL A 210 -0.60 -39.91 -22.44
N GLY A 211 -0.64 -39.43 -23.68
CA GLY A 211 -1.50 -40.05 -24.66
C GLY A 211 -2.65 -39.17 -25.15
N ASP A 212 -3.10 -38.23 -24.31
CA ASP A 212 -4.16 -37.30 -24.70
C ASP A 212 -3.94 -36.73 -26.09
N ILE A 213 -5.02 -36.61 -26.85
CA ILE A 213 -4.98 -36.02 -28.18
C ILE A 213 -5.32 -34.55 -28.03
N ALA A 214 -4.31 -33.69 -28.11
CA ALA A 214 -4.51 -32.26 -28.09
C ALA A 214 -5.07 -31.79 -29.41
N GLN A 215 -6.10 -30.95 -29.34
CA GLN A 215 -6.50 -30.13 -30.47
C GLN A 215 -5.89 -28.74 -30.27
N ILE A 216 -5.04 -28.33 -31.19
CA ILE A 216 -4.29 -27.09 -31.08
C ILE A 216 -4.90 -26.06 -32.01
N LYS A 217 -5.12 -24.86 -31.49
CA LYS A 217 -5.62 -23.74 -32.26
C LYS A 217 -4.64 -22.58 -32.14
N TYR A 218 -4.83 -21.58 -32.99
CA TYR A 218 -4.08 -20.35 -32.87
C TYR A 218 -4.35 -19.69 -31.52
N GLY A 219 -3.27 -19.33 -30.83
CA GLY A 219 -3.32 -18.71 -29.51
C GLY A 219 -3.27 -19.66 -28.34
N ASP A 220 -3.28 -20.96 -28.58
CA ASP A 220 -3.14 -21.91 -27.48
C ASP A 220 -1.70 -21.92 -26.97
N LEU A 221 -1.54 -21.88 -25.66
CA LEU A 221 -0.26 -22.08 -25.02
C LEU A 221 -0.08 -23.57 -24.78
N LEU A 222 0.95 -24.15 -25.38
CA LEU A 222 1.10 -25.60 -25.35
C LEU A 222 1.42 -26.04 -23.93
N PRO A 223 0.61 -26.90 -23.32
CA PRO A 223 0.82 -27.28 -21.93
C PRO A 223 1.80 -28.43 -21.72
N ALA A 224 2.20 -29.14 -22.78
CA ALA A 224 3.05 -30.31 -22.63
C ALA A 224 3.76 -30.57 -23.95
N ASP A 225 4.36 -31.75 -24.10
CA ASP A 225 5.10 -32.14 -25.29
C ASP A 225 4.40 -33.32 -25.96
N GLY A 226 4.37 -33.28 -27.29
CA GLY A 226 3.75 -34.36 -28.05
C GLY A 226 4.04 -34.36 -29.53
N LEU A 227 3.97 -35.55 -30.13
CA LEU A 227 4.23 -35.68 -31.56
C LEU A 227 3.02 -35.16 -32.33
N PHE A 228 3.29 -34.49 -33.45
CA PHE A 228 2.23 -33.94 -34.27
C PHE A 228 1.46 -35.07 -34.93
N ILE A 229 0.22 -34.81 -35.31
CA ILE A 229 -0.53 -35.85 -36.03
C ILE A 229 -1.01 -35.32 -37.38
N GLN A 230 -1.77 -34.23 -37.35
CA GLN A 230 -2.42 -33.70 -38.54
C GLN A 230 -2.75 -32.25 -38.26
N GLY A 231 -2.86 -31.46 -39.32
CA GLY A 231 -3.21 -30.06 -39.13
C GLY A 231 -2.95 -29.24 -40.37
N ASN A 232 -3.33 -27.97 -40.26
CA ASN A 232 -3.20 -27.00 -41.33
C ASN A 232 -2.28 -25.86 -40.88
N ASP A 233 -1.14 -25.73 -41.58
CA ASP A 233 -0.21 -24.60 -41.50
C ASP A 233 0.07 -24.12 -40.09
N LEU A 234 0.38 -25.05 -39.20
CA LEU A 234 0.71 -24.71 -37.82
C LEU A 234 2.07 -24.02 -37.75
N LYS A 235 2.08 -22.77 -37.27
CA LYS A 235 3.30 -22.03 -36.97
C LYS A 235 3.34 -21.71 -35.49
N ILE A 236 4.52 -21.89 -34.88
CA ILE A 236 4.70 -21.75 -33.44
C ILE A 236 5.92 -20.87 -33.16
N ASP A 237 5.81 -20.03 -32.14
CA ASP A 237 6.91 -19.22 -31.64
C ASP A 237 7.61 -20.01 -30.53
N GLU A 238 8.88 -20.33 -30.73
CA GLU A 238 9.65 -21.10 -29.77
C GLU A 238 10.68 -20.27 -29.02
N SER A 239 10.55 -18.94 -29.05
CA SER A 239 11.55 -18.08 -28.41
C SER A 239 11.67 -18.36 -26.92
N SER A 240 10.61 -18.87 -26.29
CA SER A 240 10.69 -19.23 -24.87
C SER A 240 11.73 -20.30 -24.60
N LEU A 241 12.14 -21.04 -25.62
CA LEU A 241 13.09 -22.14 -25.49
C LEU A 241 14.39 -21.90 -26.23
N THR A 242 14.32 -21.36 -27.45
CA THR A 242 15.50 -21.15 -28.28
C THR A 242 16.09 -19.76 -28.16
N GLY A 243 15.29 -18.77 -27.74
CA GLY A 243 15.70 -17.39 -27.86
C GLY A 243 15.55 -16.82 -29.24
N GLU A 244 15.06 -17.62 -30.19
CA GLU A 244 14.87 -17.20 -31.57
C GLU A 244 13.38 -16.94 -31.79
N SER A 245 13.04 -15.72 -32.18
CA SER A 245 11.66 -15.30 -32.32
C SER A 245 11.09 -15.54 -33.71
N ASP A 246 11.64 -16.50 -34.45
CA ASP A 246 11.14 -16.84 -35.78
C ASP A 246 10.08 -17.94 -35.69
N GLN A 247 9.08 -17.85 -36.55
CA GLN A 247 7.92 -18.75 -36.54
C GLN A 247 8.29 -20.07 -37.18
N VAL A 248 8.43 -21.11 -36.35
CA VAL A 248 8.74 -22.45 -36.84
C VAL A 248 7.45 -23.09 -37.37
N ARG A 249 7.50 -23.55 -38.62
CA ARG A 249 6.37 -24.24 -39.24
C ARG A 249 6.47 -25.74 -38.94
N LYS A 250 5.49 -26.27 -38.22
CA LYS A 250 5.48 -27.67 -37.84
C LYS A 250 4.78 -28.51 -38.89
N SER A 251 5.29 -29.73 -39.09
CA SER A 251 4.72 -30.69 -40.03
C SER A 251 5.29 -32.07 -39.73
N VAL A 252 4.51 -33.11 -40.04
CA VAL A 252 4.93 -34.47 -39.77
C VAL A 252 6.23 -34.79 -40.49
N ASP A 253 6.36 -34.32 -41.73
CA ASP A 253 7.50 -34.71 -42.56
C ASP A 253 8.77 -33.92 -42.29
N LYS A 254 8.68 -32.79 -41.57
CA LYS A 254 9.88 -31.99 -41.30
C LYS A 254 10.16 -31.81 -39.82
N ASP A 255 9.18 -31.37 -39.04
CA ASP A 255 9.39 -31.13 -37.62
C ASP A 255 8.08 -31.31 -36.87
N PRO A 256 7.78 -32.54 -36.43
CA PRO A 256 6.47 -32.83 -35.81
C PRO A 256 6.43 -32.66 -34.30
N MET A 257 7.51 -32.23 -33.66
CA MET A 257 7.44 -32.10 -32.22
C MET A 257 6.78 -30.81 -31.80
N LEU A 258 6.07 -30.86 -30.68
CA LEU A 258 5.39 -29.71 -30.12
C LEU A 258 5.82 -29.56 -28.67
N LEU A 259 6.18 -28.34 -28.27
CA LEU A 259 6.89 -28.09 -27.02
C LEU A 259 6.04 -27.30 -26.04
N SER A 260 6.03 -27.74 -24.79
CA SER A 260 5.39 -26.98 -23.71
C SER A 260 6.02 -25.61 -23.59
N GLY A 261 5.18 -24.62 -23.28
CA GLY A 261 5.64 -23.27 -23.09
C GLY A 261 5.86 -22.47 -24.35
N THR A 262 5.57 -23.05 -25.51
CA THR A 262 5.67 -22.33 -26.78
C THR A 262 4.28 -21.91 -27.22
N HIS A 263 4.22 -20.84 -27.99
CA HIS A 263 2.97 -20.19 -28.34
C HIS A 263 2.60 -20.48 -29.79
N VAL A 264 1.34 -20.85 -30.02
CA VAL A 264 0.86 -21.12 -31.37
C VAL A 264 0.53 -19.79 -32.03
N MET A 265 1.27 -19.44 -33.08
CA MET A 265 1.03 -18.19 -33.77
C MET A 265 0.03 -18.34 -34.91
N GLU A 266 0.09 -19.45 -35.65
CA GLU A 266 -0.81 -19.63 -36.78
C GLU A 266 -1.18 -21.10 -36.92
N GLY A 267 -2.26 -21.34 -37.68
CA GLY A 267 -2.65 -22.70 -38.04
C GLY A 267 -3.41 -23.42 -36.94
N SER A 268 -3.59 -24.72 -37.16
CA SER A 268 -4.28 -25.57 -36.19
C SER A 268 -3.90 -27.01 -36.45
N GLY A 269 -4.21 -27.88 -35.49
CA GLY A 269 -3.89 -29.28 -35.65
C GLY A 269 -4.26 -30.14 -34.46
N ARG A 270 -3.68 -31.34 -34.44
CA ARG A 270 -3.77 -32.28 -33.33
C ARG A 270 -2.40 -32.85 -33.00
N MET A 271 -2.25 -33.27 -31.75
CA MET A 271 -0.98 -33.82 -31.26
C MET A 271 -1.25 -34.99 -30.33
N VAL A 272 -0.42 -36.03 -30.44
CA VAL A 272 -0.42 -37.14 -29.48
C VAL A 272 0.74 -36.89 -28.52
N VAL A 273 0.41 -36.47 -27.29
CA VAL A 273 1.47 -36.10 -26.36
C VAL A 273 2.33 -37.31 -26.05
N THR A 274 3.65 -37.11 -26.07
CA THR A 274 4.58 -38.20 -25.78
C THR A 274 4.48 -38.61 -24.33
N ALA A 275 4.31 -37.66 -23.41
CA ALA A 275 4.26 -37.96 -21.99
C ALA A 275 3.66 -36.78 -21.23
N VAL A 276 2.80 -37.08 -20.25
CA VAL A 276 2.36 -36.05 -19.31
C VAL A 276 3.55 -35.48 -18.57
N GLY A 277 4.43 -36.37 -18.09
CA GLY A 277 5.55 -36.05 -17.23
C GLY A 277 6.22 -34.78 -17.68
N VAL A 278 6.37 -33.82 -16.77
CA VAL A 278 6.88 -32.52 -17.18
C VAL A 278 8.37 -32.70 -17.35
N ASN A 279 8.75 -33.12 -18.55
CA ASN A 279 10.12 -33.35 -18.95
C ASN A 279 10.46 -32.51 -20.17
N SER A 280 9.55 -31.62 -20.55
CA SER A 280 9.77 -30.72 -21.66
C SER A 280 10.95 -29.80 -21.36
N GLN A 281 11.53 -29.28 -22.43
CA GLN A 281 12.71 -28.43 -22.28
C GLN A 281 12.38 -27.16 -21.50
N THR A 282 11.15 -26.65 -21.62
CA THR A 282 10.79 -25.46 -20.87
C THR A 282 10.66 -25.73 -19.37
N GLY A 283 10.13 -26.90 -19.00
CA GLY A 283 10.12 -27.24 -17.59
C GLY A 283 11.52 -27.42 -17.05
N ILE A 284 12.40 -28.03 -17.86
CA ILE A 284 13.77 -28.26 -17.44
C ILE A 284 14.48 -26.93 -17.21
N ILE A 285 14.34 -25.99 -18.14
CA ILE A 285 15.04 -24.71 -17.97
C ILE A 285 14.42 -23.88 -16.86
N PHE A 286 13.09 -23.95 -16.69
CA PHE A 286 12.46 -23.16 -15.64
C PHE A 286 12.86 -23.67 -14.26
N THR A 287 12.92 -25.00 -14.09
CA THR A 287 13.43 -25.55 -12.83
C THR A 287 14.90 -25.21 -12.65
N LEU A 288 15.69 -25.35 -13.71
CA LEU A 288 17.10 -24.97 -13.67
C LEU A 288 17.29 -23.51 -13.29
N LEU A 289 16.33 -22.66 -13.65
CA LEU A 289 16.39 -21.23 -13.34
C LEU A 289 16.45 -21.00 -11.84
N SER A 339 8.25 2.40 -11.11
CA SER A 339 8.88 2.53 -9.81
C SER A 339 9.56 3.88 -9.66
N VAL A 340 9.06 4.88 -10.39
CA VAL A 340 9.56 6.24 -10.24
C VAL A 340 9.23 6.77 -8.85
N LEU A 341 8.03 6.46 -8.35
CA LEU A 341 7.64 6.90 -7.02
C LEU A 341 8.57 6.32 -5.96
N GLN A 342 8.97 5.05 -6.11
CA GLN A 342 9.87 4.44 -5.15
C GLN A 342 11.22 5.13 -5.13
N GLY A 343 11.76 5.47 -6.29
CA GLY A 343 13.02 6.20 -6.34
C GLY A 343 12.92 7.57 -5.69
N LYS A 344 11.82 8.28 -5.97
CA LYS A 344 11.64 9.59 -5.36
C LYS A 344 11.52 9.48 -3.84
N LEU A 345 10.81 8.46 -3.36
CA LEU A 345 10.66 8.30 -1.92
C LEU A 345 11.98 7.94 -1.26
N THR A 346 12.80 7.13 -1.93
CA THR A 346 14.12 6.81 -1.38
C THR A 346 14.99 8.06 -1.29
N LYS A 347 14.96 8.90 -2.32
CA LYS A 347 15.71 10.16 -2.26
C LYS A 347 15.21 11.03 -1.10
N LEU A 348 13.90 11.14 -0.93
CA LEU A 348 13.37 11.94 0.17
C LEU A 348 13.81 11.38 1.51
N ALA A 349 13.78 10.07 1.67
CA ALA A 349 14.17 9.46 2.93
C ALA A 349 15.62 9.74 3.26
N VAL A 350 16.51 9.66 2.27
CA VAL A 350 17.92 9.91 2.57
C VAL A 350 18.16 11.37 2.90
N GLN A 351 17.46 12.30 2.22
CA GLN A 351 17.62 13.71 2.59
C GLN A 351 17.14 13.99 4.01
N ILE A 352 16.00 13.41 4.39
CA ILE A 352 15.49 13.60 5.74
C ILE A 352 16.47 13.03 6.76
N GLY A 353 17.03 11.85 6.48
CA GLY A 353 18.02 11.28 7.38
C GLY A 353 19.25 12.15 7.54
N LYS A 354 19.76 12.72 6.44
CA LYS A 354 20.91 13.60 6.53
C LYS A 354 20.62 14.83 7.38
N ALA A 355 19.46 15.46 7.16
CA ALA A 355 19.11 16.64 7.97
C ALA A 355 18.98 16.28 9.45
N GLY A 356 18.35 15.14 9.74
CA GLY A 356 18.23 14.72 11.13
C GLY A 356 19.58 14.46 11.78
N LEU A 357 20.50 13.84 11.04
CA LEU A 357 21.84 13.59 11.58
C LEU A 357 22.55 14.90 11.89
N VAL A 358 22.47 15.88 10.99
CA VAL A 358 23.13 17.16 11.24
C VAL A 358 22.55 17.82 12.49
N MET A 359 21.22 17.82 12.61
CA MET A 359 20.60 18.45 13.77
C MET A 359 20.99 17.76 15.07
N SER A 360 21.03 16.43 15.07
CA SER A 360 21.42 15.70 16.28
C SER A 360 22.86 16.01 16.68
N ALA A 361 23.78 16.02 15.71
CA ALA A 361 25.17 16.33 16.04
C ALA A 361 25.29 17.73 16.62
N ILE A 362 24.59 18.70 16.03
CA ILE A 362 24.68 20.07 16.53
C ILE A 362 24.12 20.17 17.95
N THR A 363 23.02 19.47 18.21
CA THR A 363 22.45 19.50 19.57
C THR A 363 23.43 18.96 20.60
N VAL A 364 24.06 17.82 20.30
CA VAL A 364 25.01 17.25 21.27
C VAL A 364 26.19 18.19 21.49
N ILE A 365 26.71 18.77 20.42
CA ILE A 365 27.85 19.67 20.56
C ILE A 365 27.48 20.87 21.43
N ILE A 366 26.29 21.45 21.21
CA ILE A 366 25.89 22.61 22.00
C ILE A 366 25.73 22.25 23.46
N LEU A 367 25.11 21.09 23.75
CA LEU A 367 24.93 20.69 25.14
C LEU A 367 26.27 20.51 25.84
N VAL A 368 27.22 19.81 25.20
CA VAL A 368 28.51 19.58 25.83
C VAL A 368 29.25 20.88 26.04
N LEU A 369 29.18 21.79 25.05
CA LEU A 369 29.86 23.08 25.18
C LEU A 369 29.30 23.87 26.37
N TYR A 370 27.98 23.93 26.49
CA TYR A 370 27.37 24.58 27.65
C TYR A 370 27.88 23.98 28.95
N PHE A 371 27.82 22.65 29.08
CA PHE A 371 28.18 22.03 30.35
C PHE A 371 29.63 22.33 30.71
N THR A 372 30.54 22.16 29.76
CA THR A 372 31.95 22.35 30.05
C THR A 372 32.27 23.79 30.38
N VAL A 373 31.78 24.73 29.56
CA VAL A 373 32.08 26.14 29.80
C VAL A 373 31.51 26.59 31.14
N ASP A 374 30.26 26.21 31.43
CA ASP A 374 29.63 26.67 32.66
C ASP A 374 30.29 26.06 33.89
N THR A 375 30.71 24.80 33.82
CA THR A 375 31.19 24.13 35.02
C THR A 375 32.68 24.36 35.25
N PHE A 376 33.47 24.60 34.20
CA PHE A 376 34.92 24.73 34.35
C PHE A 376 35.43 26.16 34.19
N VAL A 377 34.97 26.90 33.18
CA VAL A 377 35.57 28.19 32.88
C VAL A 377 34.85 29.33 33.60
N VAL A 378 33.53 29.42 33.46
CA VAL A 378 32.79 30.48 34.14
C VAL A 378 32.89 30.31 35.65
N ASN A 379 32.72 29.10 36.14
CA ASN A 379 32.90 28.76 37.55
C ASN A 379 34.09 27.82 37.68
N LYS A 380 35.00 28.14 38.59
CA LYS A 380 36.24 27.39 38.70
C LYS A 380 36.00 26.13 39.51
N LYS A 381 36.09 24.98 38.84
CA LYS A 381 36.03 23.68 39.50
C LYS A 381 37.07 22.75 38.89
N PRO A 382 38.05 22.30 39.67
CA PRO A 382 39.07 21.41 39.12
C PRO A 382 38.50 20.05 38.76
N TRP A 383 39.20 19.37 37.85
CA TRP A 383 38.84 18.01 37.45
C TRP A 383 39.35 17.06 38.53
N LEU A 384 38.59 16.98 39.62
CA LEU A 384 38.87 16.01 40.67
C LEU A 384 38.46 14.63 40.19
N THR A 385 39.32 13.64 40.43
CA THR A 385 39.06 12.29 39.93
C THR A 385 37.80 11.70 40.55
N GLU A 386 37.52 12.02 41.82
CA GLU A 386 36.35 11.46 42.49
C GLU A 386 35.05 11.86 41.82
N CYS A 387 35.03 12.98 41.10
CA CYS A 387 33.84 13.44 40.40
C CYS A 387 33.77 12.94 38.97
N THR A 388 34.71 12.09 38.56
CA THR A 388 34.67 11.55 37.20
C THR A 388 33.38 10.83 36.86
N PRO A 389 32.80 9.98 37.73
CA PRO A 389 31.53 9.34 37.34
C PRO A 389 30.44 10.35 37.01
N VAL A 390 30.26 11.38 37.84
CA VAL A 390 29.22 12.36 37.54
C VAL A 390 29.48 13.01 36.19
N TYR A 391 30.72 13.45 35.96
CA TYR A 391 31.07 14.08 34.69
C TYR A 391 30.90 13.16 33.51
N VAL A 392 30.91 11.84 33.70
CA VAL A 392 30.61 11.00 32.55
C VAL A 392 29.12 10.74 32.44
N GLN A 393 28.41 10.68 33.56
CA GLN A 393 26.96 10.47 33.47
C GLN A 393 26.30 11.59 32.69
N TYR A 394 26.69 12.83 32.99
CA TYR A 394 26.21 13.96 32.20
C TYR A 394 26.45 13.70 30.72
N PHE A 395 27.68 13.33 30.37
CA PHE A 395 27.97 13.11 28.95
C PHE A 395 27.08 12.03 28.39
N VAL A 396 26.92 10.94 29.14
CA VAL A 396 26.07 9.86 28.65
C VAL A 396 24.69 10.40 28.36
N LYS A 397 24.12 11.16 29.30
CA LYS A 397 22.79 11.71 29.10
C LYS A 397 22.76 12.51 27.81
N PHE A 398 23.71 13.42 27.64
CA PHE A 398 23.71 14.25 26.45
C PHE A 398 23.74 13.38 25.21
N PHE A 399 24.62 12.38 25.20
CA PHE A 399 24.74 11.54 24.02
C PHE A 399 23.41 10.87 23.72
N ILE A 400 22.78 10.32 24.74
CA ILE A 400 21.53 9.59 24.50
C ILE A 400 20.50 10.54 23.93
N ILE A 401 20.45 11.77 24.43
CA ILE A 401 19.48 12.72 23.91
C ILE A 401 19.70 12.88 22.41
N GLY A 402 20.95 13.12 22.02
CA GLY A 402 21.24 13.28 20.60
C GLY A 402 20.81 12.05 19.83
N VAL A 403 21.13 10.87 20.35
CA VAL A 403 20.79 9.65 19.62
C VAL A 403 19.30 9.59 19.41
N THR A 404 18.51 9.87 20.45
CA THR A 404 17.07 9.72 20.29
C THR A 404 16.53 10.73 19.31
N VAL A 405 17.09 11.94 19.28
CA VAL A 405 16.64 12.91 18.30
C VAL A 405 16.82 12.35 16.91
N LEU A 406 17.97 11.71 16.66
CA LEU A 406 18.21 11.15 15.34
C LEU A 406 17.17 10.10 15.01
N VAL A 407 16.87 9.21 15.96
CA VAL A 407 15.93 8.14 15.60
C VAL A 407 14.53 8.69 15.46
N VAL A 408 14.26 9.88 15.99
CA VAL A 408 12.99 10.53 15.72
C VAL A 408 12.96 11.08 14.31
N ALA A 409 14.07 11.70 13.87
CA ALA A 409 14.10 12.37 12.58
C ALA A 409 14.16 11.40 11.41
N VAL A 410 14.61 10.18 11.63
CA VAL A 410 14.73 9.18 10.58
C VAL A 410 13.34 8.61 10.28
N PRO A 411 12.87 8.70 9.04
CA PRO A 411 11.51 8.22 8.67
C PRO A 411 11.42 6.73 8.38
N GLU A 412 11.24 5.93 9.44
CA GLU A 412 11.18 4.48 9.29
C GLU A 412 9.79 3.99 8.91
N GLY A 413 8.80 4.87 8.79
CA GLY A 413 7.46 4.49 8.42
C GLY A 413 7.09 4.71 6.97
N LEU A 414 8.03 5.19 6.15
CA LEU A 414 7.73 5.47 4.76
C LEU A 414 7.65 4.20 3.93
N PRO A 415 8.65 3.32 3.93
CA PRO A 415 8.51 2.06 3.18
C PRO A 415 7.34 1.22 3.65
N LEU A 416 7.07 1.22 4.95
CA LEU A 416 5.92 0.49 5.46
C LEU A 416 4.61 1.07 4.90
N ALA A 417 4.53 2.40 4.82
CA ALA A 417 3.33 3.02 4.25
C ALA A 417 3.17 2.64 2.78
N VAL A 418 4.25 2.64 2.02
CA VAL A 418 4.17 2.29 0.60
C VAL A 418 3.68 0.86 0.44
N THR A 419 4.29 -0.08 1.16
CA THR A 419 3.90 -1.47 1.02
C THR A 419 2.47 -1.69 1.49
N ILE A 420 2.05 -1.02 2.56
CA ILE A 420 0.69 -1.19 3.07
C ILE A 420 -0.32 -0.69 2.05
N SER A 421 -0.09 0.48 1.47
CA SER A 421 -1.03 1.01 0.50
C SER A 421 -1.10 0.13 -0.74
N LEU A 422 0.05 -0.34 -1.22
CA LEU A 422 0.05 -1.21 -2.40
C LEU A 422 -0.68 -2.52 -2.12
N ALA A 423 -0.42 -3.15 -0.97
CA ALA A 423 -1.08 -4.41 -0.65
C ALA A 423 -2.59 -4.22 -0.49
N TYR A 424 -3.00 -3.14 0.18
CA TYR A 424 -4.42 -2.89 0.36
C TYR A 424 -5.12 -2.67 -0.98
N SER A 425 -4.52 -1.88 -1.86
CA SER A 425 -5.14 -1.63 -3.16
C SER A 425 -5.19 -2.90 -4.00
N VAL A 426 -4.14 -3.71 -3.98
CA VAL A 426 -4.13 -4.93 -4.76
C VAL A 426 -5.19 -5.91 -4.25
N LYS A 427 -5.33 -6.02 -2.94
CA LYS A 427 -6.35 -6.91 -2.39
C LYS A 427 -7.75 -6.41 -2.73
N LYS A 428 -7.98 -5.10 -2.65
CA LYS A 428 -9.33 -4.57 -2.89
C LYS A 428 -9.68 -4.48 -4.36
N MET A 429 -8.71 -4.51 -5.26
CA MET A 429 -9.02 -4.50 -6.69
C MET A 429 -9.71 -5.77 -7.13
N MET A 430 -9.40 -6.90 -6.49
CA MET A 430 -9.96 -8.18 -6.93
C MET A 430 -11.48 -8.21 -6.80
N LYS A 431 -12.03 -7.48 -5.84
CA LYS A 431 -13.48 -7.36 -5.68
C LYS A 431 -14.07 -6.32 -6.61
N ASP A 432 -13.26 -5.77 -7.53
CA ASP A 432 -13.71 -4.79 -8.51
C ASP A 432 -13.46 -5.28 -9.93
N ASN A 433 -13.31 -6.59 -10.10
CA ASN A 433 -13.13 -7.26 -11.39
C ASN A 433 -11.80 -6.93 -12.06
N ASN A 434 -10.80 -6.51 -11.29
CA ASN A 434 -9.43 -6.36 -11.78
C ASN A 434 -8.54 -7.27 -10.96
N LEU A 435 -7.81 -8.16 -11.62
CA LEU A 435 -6.81 -8.97 -10.93
C LEU A 435 -5.43 -8.57 -11.44
N VAL A 436 -4.54 -8.21 -10.51
CA VAL A 436 -3.28 -7.58 -10.83
C VAL A 436 -2.17 -8.61 -10.69
N ARG A 437 -1.33 -8.72 -11.72
CA ARG A 437 -0.18 -9.63 -11.69
C ARG A 437 1.12 -8.91 -11.33
N HIS A 438 1.44 -7.83 -12.04
CA HIS A 438 2.62 -7.04 -11.75
C HIS A 438 2.24 -5.90 -10.79
N LEU A 439 2.95 -5.81 -9.67
CA LEU A 439 2.55 -4.86 -8.63
C LEU A 439 2.69 -3.42 -9.09
N ASP A 440 3.76 -3.10 -9.82
CA ASP A 440 4.02 -1.72 -10.21
C ASP A 440 2.98 -1.17 -11.17
N ALA A 441 2.15 -2.03 -11.77
CA ALA A 441 1.08 -1.56 -12.62
C ALA A 441 -0.06 -0.94 -11.82
N CYS A 442 -0.12 -1.19 -10.51
CA CYS A 442 -1.19 -0.63 -9.70
C CYS A 442 -1.13 0.88 -9.65
N GLU A 443 0.07 1.46 -9.52
CA GLU A 443 0.23 2.90 -9.43
C GLU A 443 0.50 3.58 -10.77
N THR A 444 1.05 2.86 -11.74
CA THR A 444 1.27 3.47 -13.06
C THR A 444 -0.05 3.82 -13.73
N MET A 445 -1.08 3.00 -13.50
CA MET A 445 -2.41 3.31 -14.03
C MET A 445 -2.95 4.61 -13.46
N GLY A 446 -2.40 5.08 -12.34
CA GLY A 446 -2.82 6.37 -11.83
C GLY A 446 -2.48 7.51 -12.78
N ASN A 447 -1.33 7.41 -13.45
CA ASN A 447 -0.88 8.47 -14.34
C ASN A 447 -1.30 8.26 -15.78
N ALA A 448 -2.07 7.21 -16.08
CA ALA A 448 -2.38 6.87 -17.45
C ALA A 448 -3.02 8.04 -18.18
N THR A 449 -2.56 8.28 -19.40
CA THR A 449 -3.01 9.41 -20.19
C THR A 449 -3.65 8.99 -21.52
N ALA A 450 -3.63 7.71 -21.86
CA ALA A 450 -4.24 7.24 -23.10
C ALA A 450 -4.66 5.78 -22.90
N ILE A 451 -5.71 5.38 -23.61
CA ILE A 451 -6.18 4.01 -23.65
C ILE A 451 -6.45 3.64 -25.09
N CYS A 452 -5.90 2.51 -25.53
CA CYS A 452 -6.09 2.03 -26.90
C CYS A 452 -6.76 0.65 -26.81
N SER A 453 -8.08 0.64 -26.78
CA SER A 453 -8.85 -0.59 -26.63
C SER A 453 -9.32 -1.07 -27.99
N ASP A 454 -10.14 -2.12 -27.99
CA ASP A 454 -10.70 -2.68 -29.21
C ASP A 454 -12.21 -2.73 -29.10
N LYS A 455 -12.88 -2.63 -30.26
CA LYS A 455 -14.33 -2.51 -30.27
C LYS A 455 -15.00 -3.74 -29.68
N THR A 456 -14.84 -4.89 -30.33
CA THR A 456 -15.56 -6.08 -29.92
C THR A 456 -15.01 -6.61 -28.60
N GLY A 457 -15.88 -7.30 -27.87
CA GLY A 457 -15.47 -7.89 -26.60
C GLY A 457 -15.40 -6.97 -25.41
N THR A 458 -14.79 -5.79 -25.59
CA THR A 458 -14.63 -4.83 -24.49
C THR A 458 -15.70 -3.75 -24.50
N LEU A 459 -15.83 -3.03 -25.61
CA LEU A 459 -16.82 -1.97 -25.70
C LEU A 459 -18.21 -2.46 -26.07
N THR A 460 -18.33 -3.69 -26.56
CA THR A 460 -19.61 -4.26 -26.94
C THR A 460 -19.79 -5.62 -26.26
N THR A 461 -21.05 -6.04 -26.12
CA THR A 461 -21.36 -7.28 -25.44
C THR A 461 -20.97 -8.51 -26.24
N ASN A 462 -20.58 -8.35 -27.50
CA ASN A 462 -20.13 -9.46 -28.35
C ASN A 462 -21.22 -10.53 -28.49
N ARG A 463 -22.46 -10.09 -28.60
CA ARG A 463 -23.60 -10.97 -28.87
C ARG A 463 -24.24 -10.50 -30.16
N MET A 464 -24.18 -11.35 -31.19
CA MET A 464 -24.61 -10.97 -32.53
C MET A 464 -26.08 -11.36 -32.74
N THR A 465 -26.92 -10.37 -33.01
CA THR A 465 -28.32 -10.57 -33.32
C THR A 465 -28.67 -9.82 -34.60
N VAL A 466 -29.71 -10.29 -35.27
CA VAL A 466 -30.17 -9.70 -36.52
C VAL A 466 -31.39 -8.84 -36.22
N VAL A 467 -31.33 -7.56 -36.61
CA VAL A 467 -32.44 -6.64 -36.38
C VAL A 467 -33.02 -6.08 -37.66
N GLN A 468 -32.27 -6.02 -38.75
CA GLN A 468 -32.77 -5.51 -40.02
C GLN A 468 -32.40 -6.48 -41.13
N ALA A 469 -33.16 -6.40 -42.22
CA ALA A 469 -32.95 -7.30 -43.35
C ALA A 469 -33.38 -6.61 -44.64
N TYR A 470 -32.90 -7.13 -45.75
CA TYR A 470 -33.28 -6.66 -47.08
C TYR A 470 -33.60 -7.89 -47.92
N VAL A 471 -34.85 -8.32 -47.90
CA VAL A 471 -35.26 -9.55 -48.56
C VAL A 471 -36.52 -9.28 -49.37
N GLY A 472 -36.66 -10.04 -50.47
CA GLY A 472 -37.77 -9.82 -51.38
C GLY A 472 -37.79 -8.43 -51.97
N ASP A 473 -36.62 -7.82 -52.15
CA ASP A 473 -36.49 -6.44 -52.60
C ASP A 473 -37.23 -5.47 -51.68
N VAL A 474 -37.40 -5.84 -50.41
CA VAL A 474 -38.05 -4.98 -49.43
C VAL A 474 -37.17 -4.93 -48.19
N HIS A 475 -37.06 -3.74 -47.61
CA HIS A 475 -36.21 -3.50 -46.44
C HIS A 475 -37.07 -3.59 -45.18
N TYR A 476 -36.82 -4.63 -44.39
CA TYR A 476 -37.51 -4.83 -43.12
C TYR A 476 -36.64 -4.31 -41.97
N LYS A 477 -37.24 -3.48 -41.12
CA LYS A 477 -36.58 -3.03 -39.91
C LYS A 477 -36.91 -3.90 -38.71
N GLU A 478 -37.77 -4.90 -38.86
CA GLU A 478 -38.09 -5.84 -37.79
C GLU A 478 -38.19 -7.24 -38.38
N ILE A 479 -38.08 -8.23 -37.50
CA ILE A 479 -38.14 -9.63 -37.93
C ILE A 479 -39.54 -9.92 -38.49
N PRO A 480 -39.64 -10.53 -39.67
CA PRO A 480 -40.94 -10.62 -40.34
C PRO A 480 -41.72 -11.88 -39.99
N ASP A 481 -42.95 -11.96 -40.51
CA ASP A 481 -43.73 -13.19 -40.48
C ASP A 481 -43.24 -14.12 -41.60
N PRO A 482 -43.23 -15.44 -41.36
CA PRO A 482 -42.81 -16.37 -42.43
C PRO A 482 -43.69 -16.32 -43.66
N SER A 483 -44.95 -15.88 -43.53
CA SER A 483 -45.83 -15.83 -44.69
C SER A 483 -45.53 -14.64 -45.60
N SER A 484 -44.95 -13.57 -45.06
CA SER A 484 -44.69 -12.38 -45.87
C SER A 484 -43.70 -12.67 -46.99
N ILE A 485 -42.65 -13.41 -46.70
CA ILE A 485 -41.65 -13.74 -47.71
C ILE A 485 -42.22 -14.82 -48.63
N ASN A 486 -42.08 -14.61 -49.94
CA ASN A 486 -42.59 -15.54 -50.92
C ASN A 486 -41.86 -16.88 -50.83
N ALA A 487 -42.56 -17.94 -51.23
CA ALA A 487 -41.98 -19.27 -51.24
C ALA A 487 -40.89 -19.36 -52.30
N LYS A 488 -40.25 -20.52 -52.38
CA LYS A 488 -39.13 -20.84 -53.27
C LYS A 488 -37.87 -20.07 -52.90
N THR A 489 -37.92 -19.19 -51.91
CA THR A 489 -36.77 -18.42 -51.45
C THR A 489 -36.35 -18.76 -50.03
N LEU A 490 -37.31 -19.00 -49.14
CA LEU A 490 -36.98 -19.35 -47.76
C LEU A 490 -36.18 -20.65 -47.70
N GLU A 491 -36.58 -21.64 -48.48
CA GLU A 491 -35.87 -22.91 -48.50
C GLU A 491 -34.43 -22.72 -48.96
N LEU A 492 -34.23 -21.93 -50.01
CA LEU A 492 -32.88 -21.68 -50.52
C LEU A 492 -32.05 -20.91 -49.50
N LEU A 493 -32.66 -19.94 -48.80
CA LEU A 493 -31.94 -19.20 -47.78
C LEU A 493 -31.51 -20.11 -46.64
N VAL A 494 -32.40 -21.00 -46.19
CA VAL A 494 -32.04 -21.93 -45.12
C VAL A 494 -30.92 -22.86 -45.58
N ASN A 495 -30.99 -23.32 -46.83
CA ASN A 495 -29.91 -24.18 -47.35
C ASN A 495 -28.59 -23.43 -47.41
N ALA A 496 -28.63 -22.16 -47.81
CA ALA A 496 -27.42 -21.36 -47.95
C ALA A 496 -26.90 -20.81 -46.64
N ILE A 497 -27.64 -20.93 -45.55
CA ILE A 497 -27.21 -20.48 -44.23
C ILE A 497 -26.76 -21.66 -43.37
N ALA A 498 -27.57 -22.72 -43.29
CA ALA A 498 -27.28 -23.82 -42.40
C ALA A 498 -26.05 -24.60 -42.85
N ILE A 499 -25.95 -24.90 -44.15
CA ILE A 499 -24.86 -25.73 -44.65
C ILE A 499 -23.61 -24.95 -45.00
N ASN A 500 -23.67 -23.61 -44.97
CA ASN A 500 -22.59 -22.82 -45.56
C ASN A 500 -21.30 -22.94 -44.77
N SER A 501 -21.37 -22.93 -43.44
CA SER A 501 -20.12 -22.84 -42.67
C SER A 501 -20.31 -23.36 -41.25
N ALA A 502 -19.27 -24.03 -40.76
CA ALA A 502 -19.05 -24.24 -39.32
C ALA A 502 -20.24 -24.95 -38.66
N TYR A 503 -20.41 -26.22 -39.05
CA TYR A 503 -21.43 -27.07 -38.45
C TYR A 503 -21.31 -27.20 -36.94
N THR A 504 -20.22 -26.72 -36.33
CA THR A 504 -20.01 -26.81 -34.89
C THR A 504 -20.54 -25.61 -34.13
N THR A 505 -21.17 -24.65 -34.81
CA THR A 505 -21.70 -23.46 -34.14
C THR A 505 -23.13 -23.73 -33.67
N LYS A 506 -23.23 -24.64 -32.71
CA LYS A 506 -24.52 -25.02 -32.18
C LYS A 506 -25.07 -23.94 -31.24
N ILE A 507 -26.38 -23.74 -31.29
CA ILE A 507 -27.07 -22.80 -30.41
C ILE A 507 -27.66 -23.59 -29.26
N LEU A 508 -27.33 -23.19 -28.03
CA LEU A 508 -27.73 -23.94 -26.85
C LEU A 508 -28.63 -23.11 -25.96
N PRO A 509 -29.69 -23.71 -25.41
CA PRO A 509 -30.54 -22.96 -24.48
C PRO A 509 -29.77 -22.63 -23.20
N PRO A 510 -30.11 -21.51 -22.54
CA PRO A 510 -29.40 -21.15 -21.30
C PRO A 510 -29.61 -22.16 -20.18
N GLU A 511 -30.88 -22.43 -19.85
CA GLU A 511 -31.24 -23.36 -18.78
C GLU A 511 -30.63 -22.96 -17.44
N LYS A 512 -30.58 -21.66 -17.18
CA LYS A 512 -30.08 -21.17 -15.90
C LYS A 512 -30.63 -19.76 -15.67
N GLU A 513 -31.41 -19.60 -14.60
CA GLU A 513 -31.99 -18.34 -14.15
C GLU A 513 -32.58 -17.50 -15.29
N GLY A 514 -33.13 -18.16 -16.30
CA GLY A 514 -33.73 -17.45 -17.41
C GLY A 514 -32.77 -16.53 -18.15
N ALA A 515 -31.55 -17.00 -18.39
CA ALA A 515 -30.53 -16.20 -19.06
C ALA A 515 -30.78 -16.20 -20.56
N LEU A 516 -29.84 -15.63 -21.32
CA LEU A 516 -29.90 -15.58 -22.78
C LEU A 516 -29.29 -16.84 -23.38
N PRO A 517 -29.72 -17.23 -24.59
CA PRO A 517 -29.13 -18.40 -25.24
C PRO A 517 -27.74 -18.12 -25.79
N ARG A 518 -26.72 -18.26 -24.94
CA ARG A 518 -25.36 -17.91 -25.32
C ARG A 518 -24.87 -18.77 -26.48
N GLN A 519 -24.07 -18.17 -27.35
CA GLN A 519 -23.53 -18.83 -28.53
C GLN A 519 -22.13 -19.37 -28.22
N VAL A 520 -21.71 -20.36 -29.01
CA VAL A 520 -20.46 -21.07 -28.74
C VAL A 520 -19.48 -21.00 -29.90
N GLY A 521 -19.90 -20.71 -31.12
CA GLY A 521 -18.99 -20.72 -32.26
C GLY A 521 -18.73 -19.35 -32.84
N ASN A 522 -18.55 -19.29 -34.17
CA ASN A 522 -18.40 -18.02 -34.85
C ASN A 522 -19.66 -17.18 -34.67
N LYS A 523 -19.48 -15.95 -34.21
CA LYS A 523 -20.63 -15.20 -33.71
C LYS A 523 -21.51 -14.62 -34.81
N THR A 524 -20.93 -14.25 -35.95
CA THR A 524 -21.77 -13.80 -37.07
C THR A 524 -22.63 -14.93 -37.59
N GLU A 525 -22.05 -16.12 -37.75
CA GLU A 525 -22.85 -17.27 -38.16
C GLU A 525 -23.88 -17.64 -37.10
N CYS A 526 -23.53 -17.46 -35.83
CA CYS A 526 -24.49 -17.70 -34.76
C CYS A 526 -25.67 -16.74 -34.85
N GLY A 527 -25.40 -15.47 -35.16
CA GLY A 527 -26.49 -14.53 -35.38
C GLY A 527 -27.34 -14.90 -36.58
N LEU A 528 -26.70 -15.41 -37.64
CA LEU A 528 -27.45 -15.87 -38.80
C LEU A 528 -28.39 -17.02 -38.44
N LEU A 529 -27.88 -18.00 -37.67
CA LEU A 529 -28.73 -19.11 -37.25
C LEU A 529 -29.85 -18.62 -36.34
N GLY A 530 -29.56 -17.64 -35.48
CA GLY A 530 -30.61 -17.07 -34.65
C GLY A 530 -31.70 -16.40 -35.48
N PHE A 531 -31.31 -15.69 -36.53
CA PHE A 531 -32.28 -15.08 -37.43
C PHE A 531 -33.14 -16.14 -38.13
N VAL A 532 -32.50 -17.22 -38.59
CA VAL A 532 -33.24 -18.30 -39.23
C VAL A 532 -34.22 -18.93 -38.25
N LEU A 533 -33.78 -19.17 -37.01
CA LEU A 533 -34.67 -19.73 -36.00
C LEU A 533 -35.82 -18.79 -35.68
N ASP A 534 -35.54 -17.49 -35.61
CA ASP A 534 -36.57 -16.49 -35.36
C ASP A 534 -37.55 -16.36 -36.52
N LEU A 535 -37.21 -16.88 -37.71
CA LEU A 535 -38.20 -17.01 -38.76
C LEU A 535 -39.14 -18.22 -38.56
N ARG A 536 -39.22 -18.77 -37.34
CA ARG A 536 -40.06 -19.92 -37.04
C ARG A 536 -39.73 -21.12 -37.91
N GLN A 537 -38.44 -21.35 -38.14
CA GLN A 537 -37.96 -22.51 -38.87
C GLN A 537 -36.91 -23.22 -38.01
N ASP A 538 -36.27 -24.23 -38.60
CA ASP A 538 -35.25 -25.00 -37.90
C ASP A 538 -34.20 -25.46 -38.90
N TYR A 539 -32.94 -25.32 -38.52
CA TYR A 539 -31.84 -25.76 -39.37
C TYR A 539 -31.48 -27.23 -39.17
N GLU A 540 -32.03 -27.87 -38.13
CA GLU A 540 -31.75 -29.28 -37.92
C GLU A 540 -32.21 -30.17 -39.07
N PRO A 541 -33.41 -30.00 -39.63
CA PRO A 541 -33.80 -30.85 -40.78
C PRO A 541 -32.92 -30.67 -42.00
N VAL A 542 -32.08 -29.64 -42.04
CA VAL A 542 -31.20 -29.38 -43.17
C VAL A 542 -29.77 -29.85 -42.89
N ARG A 543 -29.25 -29.56 -41.69
CA ARG A 543 -27.90 -29.97 -41.36
C ARG A 543 -27.81 -31.48 -41.17
N SER A 544 -28.86 -32.09 -40.61
CA SER A 544 -28.84 -33.53 -40.38
C SER A 544 -28.78 -34.31 -41.68
N GLN A 545 -29.56 -33.88 -42.68
CA GLN A 545 -29.57 -34.56 -43.97
C GLN A 545 -28.34 -34.25 -44.81
N MET A 546 -27.49 -33.32 -44.39
CA MET A 546 -26.28 -32.96 -45.11
C MET A 546 -25.08 -33.03 -44.18
N PRO A 547 -24.56 -34.23 -43.92
CA PRO A 547 -23.29 -34.35 -43.20
C PRO A 547 -22.11 -34.14 -44.14
N GLU A 548 -20.89 -34.41 -43.64
CA GLU A 548 -19.70 -34.35 -44.48
C GLU A 548 -19.79 -35.29 -45.69
N GLU A 549 -20.79 -36.18 -45.71
CA GLU A 549 -20.97 -37.19 -46.76
C GLU A 549 -20.67 -36.66 -48.17
N LYS A 550 -21.34 -35.60 -48.58
CA LYS A 550 -21.08 -34.96 -49.86
C LYS A 550 -20.40 -33.61 -49.72
N LEU A 551 -20.20 -33.14 -48.49
CA LEU A 551 -19.48 -31.89 -48.24
C LEU A 551 -17.99 -32.15 -48.44
N TYR A 552 -17.49 -31.77 -49.60
CA TYR A 552 -16.11 -32.07 -50.00
C TYR A 552 -15.27 -30.83 -50.26
N LYS A 553 -15.82 -29.83 -50.94
CA LYS A 553 -15.06 -28.64 -51.31
C LYS A 553 -15.51 -27.49 -50.42
N VAL A 554 -14.66 -27.14 -49.45
CA VAL A 554 -14.91 -26.07 -48.50
C VAL A 554 -13.70 -25.15 -48.49
N TYR A 555 -13.95 -23.84 -48.57
CA TYR A 555 -12.88 -22.85 -48.48
C TYR A 555 -12.84 -22.29 -47.06
N THR A 556 -11.67 -22.35 -46.44
CA THR A 556 -11.54 -21.97 -45.04
C THR A 556 -11.81 -20.48 -44.85
N PHE A 557 -12.28 -20.13 -43.66
CA PHE A 557 -12.57 -18.75 -43.31
C PHE A 557 -11.33 -18.09 -42.71
N ASN A 558 -10.99 -16.91 -43.21
CA ASN A 558 -9.86 -16.16 -42.71
C ASN A 558 -10.06 -14.69 -43.05
N SER A 559 -9.30 -13.83 -42.37
CA SER A 559 -9.37 -12.41 -42.64
C SER A 559 -8.87 -12.06 -44.03
N VAL A 560 -8.11 -12.95 -44.66
CA VAL A 560 -7.62 -12.69 -46.01
C VAL A 560 -8.77 -12.63 -47.00
N ARG A 561 -9.71 -13.57 -46.90
CA ARG A 561 -10.82 -13.65 -47.85
C ARG A 561 -12.10 -12.99 -47.33
N LYS A 562 -12.32 -13.02 -46.01
CA LYS A 562 -13.56 -12.50 -45.42
C LYS A 562 -14.79 -13.18 -46.00
N SER A 563 -14.67 -14.45 -46.37
CA SER A 563 -15.77 -15.18 -46.97
C SER A 563 -15.51 -16.67 -46.84
N MET A 564 -16.59 -17.44 -46.69
CA MET A 564 -16.51 -18.89 -46.60
C MET A 564 -17.49 -19.50 -47.59
N SER A 565 -17.02 -20.47 -48.36
CA SER A 565 -17.82 -21.05 -49.44
C SER A 565 -17.75 -22.57 -49.40
N THR A 566 -18.86 -23.19 -49.82
CA THR A 566 -18.97 -24.64 -49.85
C THR A 566 -19.67 -25.09 -51.11
N VAL A 567 -19.33 -26.32 -51.53
CA VAL A 567 -19.95 -26.98 -52.67
C VAL A 567 -20.67 -28.23 -52.17
N ILE A 568 -21.86 -28.48 -52.71
CA ILE A 568 -22.68 -29.63 -52.35
C ILE A 568 -22.99 -30.42 -53.62
N LYS A 569 -22.82 -31.74 -53.55
CA LYS A 569 -23.03 -32.62 -54.68
C LYS A 569 -24.47 -33.10 -54.82
N MET A 570 -25.37 -32.70 -53.92
CA MET A 570 -26.74 -33.19 -53.97
C MET A 570 -27.46 -32.86 -55.27
N PRO A 571 -27.37 -31.66 -55.84
CA PRO A 571 -28.04 -31.42 -57.14
C PRO A 571 -27.52 -32.36 -58.20
N ASP A 572 -28.44 -33.12 -58.81
CA ASP A 572 -28.06 -34.12 -59.79
C ASP A 572 -27.56 -33.44 -61.07
N GLU A 573 -26.38 -33.88 -61.52
CA GLU A 573 -25.74 -33.32 -62.72
C GLU A 573 -25.59 -31.81 -62.61
N SER A 574 -25.32 -31.33 -61.39
CA SER A 574 -25.18 -29.91 -61.13
C SER A 574 -24.47 -29.72 -59.80
N PHE A 575 -24.14 -28.47 -59.51
CA PHE A 575 -23.53 -28.07 -58.24
C PHE A 575 -24.36 -26.95 -57.63
N ARG A 576 -24.06 -26.64 -56.37
CA ARG A 576 -24.74 -25.52 -55.70
C ARG A 576 -23.71 -24.85 -54.78
N MET A 577 -23.08 -23.80 -55.31
CA MET A 577 -22.11 -23.02 -54.56
C MET A 577 -22.81 -22.10 -53.57
N TYR A 578 -22.32 -22.06 -52.34
CA TYR A 578 -22.82 -21.13 -51.34
C TYR A 578 -21.71 -20.16 -50.94
N SER A 579 -22.10 -18.93 -50.58
CA SER A 579 -21.12 -17.93 -50.20
C SER A 579 -21.73 -16.93 -49.24
N LYS A 580 -20.98 -16.56 -48.21
CA LYS A 580 -21.27 -15.43 -47.34
C LYS A 580 -20.10 -14.47 -47.36
N GLY A 581 -20.37 -13.18 -47.58
CA GLY A 581 -19.33 -12.22 -47.75
C GLY A 581 -19.60 -10.94 -46.98
N ALA A 582 -18.60 -10.06 -47.00
CA ALA A 582 -18.60 -8.81 -46.24
C ALA A 582 -19.34 -7.68 -46.92
N SER A 583 -20.22 -7.99 -47.88
CA SER A 583 -21.09 -7.05 -48.59
C SER A 583 -20.34 -6.14 -49.54
N GLU A 584 -19.02 -6.20 -49.58
CA GLU A 584 -18.26 -5.44 -50.56
C GLU A 584 -17.26 -6.30 -51.32
N ILE A 585 -16.63 -7.26 -50.66
CA ILE A 585 -15.74 -8.19 -51.36
C ILE A 585 -16.55 -9.15 -52.23
N VAL A 586 -17.68 -9.63 -51.71
CA VAL A 586 -18.43 -10.70 -52.35
C VAL A 586 -19.59 -10.14 -53.15
N LEU A 587 -20.18 -9.03 -52.69
CA LEU A 587 -21.38 -8.51 -53.32
C LEU A 587 -21.14 -8.15 -54.79
N LYS A 588 -20.00 -7.52 -55.08
CA LYS A 588 -19.70 -7.15 -56.46
C LYS A 588 -19.41 -8.36 -57.35
N LYS A 589 -19.15 -9.52 -56.76
CA LYS A 589 -18.87 -10.73 -57.52
C LYS A 589 -20.13 -11.39 -58.08
N CYS A 590 -21.30 -11.01 -57.60
CA CYS A 590 -22.54 -11.64 -58.03
C CYS A 590 -22.95 -11.13 -59.42
N CYS A 591 -23.84 -11.89 -60.07
CA CYS A 591 -24.31 -11.55 -61.41
C CYS A 591 -25.82 -11.57 -61.55
N LYS A 592 -26.57 -12.02 -60.54
CA LYS A 592 -28.03 -12.02 -60.59
C LYS A 592 -28.58 -11.71 -59.21
N ILE A 593 -29.82 -11.24 -59.17
CA ILE A 593 -30.52 -10.96 -57.93
C ILE A 593 -31.79 -11.80 -57.88
N LEU A 594 -31.97 -12.55 -56.79
CA LEU A 594 -33.18 -13.33 -56.57
C LEU A 594 -34.23 -12.40 -55.95
N SER A 595 -34.82 -11.58 -56.80
CA SER A 595 -35.76 -10.54 -56.39
C SER A 595 -37.17 -10.91 -56.81
N GLY A 596 -38.14 -10.20 -56.23
CA GLY A 596 -39.53 -10.46 -56.55
C GLY A 596 -39.96 -11.83 -56.05
N ALA A 597 -40.79 -12.50 -56.85
CA ALA A 597 -41.29 -13.82 -56.52
C ALA A 597 -40.35 -14.90 -57.06
N GLY A 598 -39.09 -14.82 -56.61
CA GLY A 598 -38.07 -15.75 -57.03
C GLY A 598 -37.41 -15.46 -58.36
N GLU A 599 -37.75 -14.34 -59.00
CA GLU A 599 -37.19 -14.02 -60.31
C GLU A 599 -35.71 -13.69 -60.20
N ALA A 600 -34.93 -14.20 -61.15
CA ALA A 600 -33.48 -13.97 -61.18
C ALA A 600 -33.19 -12.81 -62.13
N ARG A 601 -33.35 -11.60 -61.61
CA ARG A 601 -33.08 -10.41 -62.41
C ARG A 601 -31.58 -10.24 -62.63
N VAL A 602 -31.25 -9.46 -63.66
CA VAL A 602 -29.86 -9.28 -64.06
C VAL A 602 -29.20 -8.25 -63.15
N PHE A 603 -28.06 -8.61 -62.57
CA PHE A 603 -27.30 -7.74 -61.71
C PHE A 603 -26.27 -6.98 -62.56
N ARG A 604 -26.33 -5.66 -62.51
CA ARG A 604 -25.50 -4.79 -63.34
C ARG A 604 -24.83 -3.76 -62.45
N PRO A 605 -23.69 -3.21 -62.90
CA PRO A 605 -23.03 -2.16 -62.11
C PRO A 605 -23.87 -0.91 -61.91
N ARG A 606 -24.88 -0.69 -62.75
CA ARG A 606 -25.68 0.52 -62.63
C ARG A 606 -26.53 0.53 -61.36
N ASP A 607 -27.41 -0.46 -61.21
CA ASP A 607 -28.38 -0.41 -60.12
C ASP A 607 -27.76 -0.74 -58.76
N ARG A 608 -26.67 -1.51 -58.74
CA ARG A 608 -26.03 -1.83 -57.47
C ARG A 608 -25.42 -0.60 -56.82
N ASP A 609 -24.95 0.36 -57.63
CA ASP A 609 -24.41 1.59 -57.06
C ASP A 609 -25.48 2.35 -56.30
N GLU A 610 -26.69 2.44 -56.86
CA GLU A 610 -27.79 3.08 -56.15
C GLU A 610 -28.25 2.25 -54.96
N MET A 611 -28.22 0.92 -55.08
CA MET A 611 -28.62 0.06 -53.98
C MET A 611 -27.68 0.23 -52.79
N VAL A 612 -26.39 0.44 -53.05
CA VAL A 612 -25.43 0.60 -51.97
C VAL A 612 -25.79 1.82 -51.12
N LYS A 613 -26.08 2.94 -51.76
CA LYS A 613 -26.50 4.14 -51.04
C LYS A 613 -27.95 4.05 -50.56
N LYS A 614 -28.71 3.06 -51.01
CA LYS A 614 -30.11 2.96 -50.62
C LYS A 614 -30.30 2.21 -49.31
N VAL A 615 -29.67 1.04 -49.16
CA VAL A 615 -29.86 0.19 -48.00
C VAL A 615 -28.57 -0.04 -47.22
N ILE A 616 -27.45 -0.26 -47.91
CA ILE A 616 -26.21 -0.61 -47.23
C ILE A 616 -25.73 0.53 -46.35
N GLU A 617 -25.74 1.76 -46.87
CA GLU A 617 -25.28 2.90 -46.09
C GLU A 617 -26.13 3.14 -44.85
N PRO A 618 -27.48 3.16 -44.93
CA PRO A 618 -28.25 3.29 -43.68
C PRO A 618 -28.02 2.15 -42.71
N MET A 619 -27.84 0.92 -43.22
CA MET A 619 -27.56 -0.21 -42.33
C MET A 619 -26.25 0.00 -41.59
N ALA A 620 -25.21 0.43 -42.29
CA ALA A 620 -23.93 0.69 -41.64
C ALA A 620 -24.05 1.82 -40.64
N CYS A 621 -24.79 2.88 -40.99
CA CYS A 621 -24.91 4.03 -40.10
C CYS A 621 -25.67 3.70 -38.82
N ASP A 622 -26.47 2.64 -38.82
CA ASP A 622 -27.16 2.20 -37.61
C ASP A 622 -26.27 1.35 -36.70
N GLY A 623 -24.98 1.22 -37.03
CA GLY A 623 -24.12 0.34 -36.28
C GLY A 623 -24.28 -1.12 -36.60
N LEU A 624 -24.67 -1.44 -37.82
CA LEU A 624 -24.90 -2.82 -38.25
C LEU A 624 -23.77 -3.25 -39.18
N ARG A 625 -23.20 -4.42 -38.91
CA ARG A 625 -22.24 -5.02 -39.83
C ARG A 625 -23.01 -5.72 -40.94
N THR A 626 -22.76 -5.32 -42.18
CA THR A 626 -23.52 -5.82 -43.32
C THR A 626 -22.80 -6.99 -43.96
N ILE A 627 -23.52 -8.11 -44.11
CA ILE A 627 -23.02 -9.28 -44.81
C ILE A 627 -24.02 -9.65 -45.90
N CYS A 628 -23.53 -10.37 -46.90
CA CYS A 628 -24.31 -10.74 -48.07
C CYS A 628 -24.25 -12.24 -48.28
N VAL A 629 -25.37 -12.83 -48.71
CA VAL A 629 -25.47 -14.25 -48.97
C VAL A 629 -25.74 -14.46 -50.46
N ALA A 630 -24.97 -15.35 -51.08
CA ALA A 630 -25.10 -15.60 -52.50
C ALA A 630 -25.02 -17.11 -52.78
N TYR A 631 -25.63 -17.51 -53.89
CA TYR A 631 -25.65 -18.90 -54.32
C TYR A 631 -25.41 -18.97 -55.82
N ARG A 632 -24.92 -20.13 -56.26
CA ARG A 632 -24.61 -20.37 -57.66
C ARG A 632 -24.93 -21.82 -58.00
N ASP A 633 -25.12 -22.09 -59.29
CA ASP A 633 -25.38 -23.44 -59.78
C ASP A 633 -24.48 -23.71 -60.98
N PHE A 634 -23.47 -24.54 -60.77
CA PHE A 634 -22.59 -24.93 -61.88
C PHE A 634 -23.28 -25.97 -62.76
N PRO A 635 -23.09 -25.92 -64.07
CA PRO A 635 -23.63 -26.99 -64.93
C PRO A 635 -23.08 -28.36 -64.59
N SER A 636 -21.80 -28.43 -64.21
CA SER A 636 -21.11 -29.61 -63.70
C SER A 636 -20.89 -30.70 -64.75
N SER A 637 -21.41 -30.54 -65.97
CA SER A 637 -21.14 -31.54 -67.00
C SER A 637 -19.65 -31.60 -67.34
N PRO A 638 -18.96 -30.48 -67.60
CA PRO A 638 -17.49 -30.53 -67.53
C PRO A 638 -17.03 -30.15 -66.13
N GLU A 639 -16.17 -30.97 -65.54
CA GLU A 639 -15.76 -30.74 -64.16
C GLU A 639 -14.95 -29.44 -64.05
N PRO A 640 -15.40 -28.47 -63.27
CA PRO A 640 -14.64 -27.22 -63.15
C PRO A 640 -13.39 -27.44 -62.31
N ASP A 641 -12.30 -26.79 -62.74
CA ASP A 641 -11.05 -26.80 -62.00
C ASP A 641 -11.14 -25.74 -60.91
N TRP A 642 -11.42 -26.17 -59.69
CA TRP A 642 -11.62 -25.23 -58.59
C TRP A 642 -10.29 -25.07 -57.85
N ASP A 643 -9.42 -24.24 -58.39
CA ASP A 643 -8.21 -23.77 -57.71
C ASP A 643 -8.01 -22.29 -57.99
N ASN A 644 -8.63 -21.80 -59.06
CA ASN A 644 -8.52 -20.40 -59.49
C ASN A 644 -9.60 -19.59 -58.78
N GLU A 645 -9.25 -19.01 -57.64
CA GLU A 645 -10.24 -18.31 -56.82
C GLU A 645 -10.85 -17.10 -57.54
N ASN A 646 -10.16 -16.54 -58.53
CA ASN A 646 -10.67 -15.35 -59.20
C ASN A 646 -11.96 -15.64 -59.96
N ASP A 647 -12.04 -16.78 -60.63
CA ASP A 647 -13.18 -17.10 -61.48
C ASP A 647 -14.18 -18.04 -60.83
N ILE A 648 -13.75 -18.90 -59.91
CA ILE A 648 -14.65 -19.89 -59.35
C ILE A 648 -15.60 -19.29 -58.32
N LEU A 649 -15.45 -18.02 -57.97
CA LEU A 649 -16.32 -17.34 -57.04
C LEU A 649 -17.20 -16.29 -57.71
N ASN A 650 -17.04 -16.07 -59.01
CA ASN A 650 -17.83 -15.09 -59.73
C ASN A 650 -19.14 -15.71 -60.21
N GLU A 651 -19.92 -14.93 -60.96
CA GLU A 651 -21.20 -15.39 -61.52
C GLU A 651 -22.13 -15.89 -60.42
N LEU A 652 -22.16 -15.19 -59.30
CA LEU A 652 -22.98 -15.59 -58.16
C LEU A 652 -24.40 -15.08 -58.35
N THR A 653 -25.23 -15.25 -57.32
CA THR A 653 -26.60 -14.74 -57.33
C THR A 653 -26.95 -14.37 -55.90
N CYS A 654 -27.15 -13.08 -55.65
CA CYS A 654 -27.45 -12.61 -54.31
C CYS A 654 -28.86 -13.02 -53.90
N ILE A 655 -28.99 -13.60 -52.71
CA ILE A 655 -30.29 -14.00 -52.19
C ILE A 655 -30.85 -12.89 -51.32
N CYS A 656 -30.12 -12.55 -50.25
CA CYS A 656 -30.55 -11.49 -49.35
C CYS A 656 -29.31 -10.87 -48.69
N VAL A 657 -29.48 -9.65 -48.20
CA VAL A 657 -28.45 -8.93 -47.46
C VAL A 657 -29.00 -8.63 -46.08
N VAL A 658 -28.24 -9.02 -45.05
CA VAL A 658 -28.69 -8.94 -43.67
C VAL A 658 -27.65 -8.18 -42.85
N GLY A 659 -28.11 -7.32 -41.95
CA GLY A 659 -27.23 -6.57 -41.08
C GLY A 659 -27.25 -7.04 -39.64
N ILE A 660 -26.14 -7.61 -39.18
CA ILE A 660 -26.02 -8.11 -37.82
C ILE A 660 -25.58 -6.97 -36.91
N GLU A 661 -25.76 -7.15 -35.60
CA GLU A 661 -25.32 -6.14 -34.65
C GLU A 661 -24.95 -6.79 -33.33
N ASP A 662 -24.15 -6.05 -32.55
CA ASP A 662 -23.84 -6.39 -31.18
C ASP A 662 -24.02 -5.13 -30.35
N PRO A 663 -24.91 -5.12 -29.36
CA PRO A 663 -25.21 -3.88 -28.65
C PRO A 663 -24.03 -3.40 -27.81
N VAL A 664 -23.94 -2.09 -27.66
CA VAL A 664 -22.94 -1.48 -26.80
C VAL A 664 -23.36 -1.67 -25.35
N ARG A 665 -22.40 -1.98 -24.49
CA ARG A 665 -22.70 -2.24 -23.09
C ARG A 665 -23.32 -1.00 -22.45
N PRO A 666 -24.28 -1.18 -21.53
CA PRO A 666 -24.94 0.00 -20.94
C PRO A 666 -24.05 0.84 -20.05
N GLU A 667 -22.93 0.30 -19.58
CA GLU A 667 -22.09 1.02 -18.63
C GLU A 667 -21.01 1.86 -19.31
N VAL A 668 -20.56 1.48 -20.50
CA VAL A 668 -19.43 2.16 -21.13
C VAL A 668 -19.76 3.59 -21.59
N PRO A 669 -20.99 3.95 -21.95
CA PRO A 669 -21.22 5.37 -22.32
C PRO A 669 -20.94 6.33 -21.19
N GLU A 670 -21.05 5.91 -19.94
CA GLU A 670 -20.68 6.73 -18.80
C GLU A 670 -19.24 6.53 -18.35
N ALA A 671 -18.71 5.30 -18.51
CA ALA A 671 -17.30 5.08 -18.19
C ALA A 671 -16.39 5.89 -19.08
N ILE A 672 -16.69 5.96 -20.38
CA ILE A 672 -15.88 6.76 -21.28
C ILE A 672 -16.01 8.25 -20.95
N ARG A 673 -17.20 8.67 -20.53
CA ARG A 673 -17.38 10.07 -20.11
C ARG A 673 -16.52 10.39 -18.89
N LYS A 674 -16.50 9.49 -17.91
CA LYS A 674 -15.64 9.67 -16.75
C LYS A 674 -14.17 9.72 -17.15
N CYS A 675 -13.77 8.83 -18.07
CA CYS A 675 -12.39 8.81 -18.53
C CYS A 675 -12.02 10.13 -19.19
N GLN A 676 -12.91 10.68 -20.01
CA GLN A 676 -12.62 11.95 -20.67
C GLN A 676 -12.65 13.11 -19.69
N ARG A 677 -13.43 12.99 -18.61
CA ARG A 677 -13.45 14.03 -17.58
C ARG A 677 -12.16 14.03 -16.76
N ALA A 678 -11.55 12.86 -16.55
CA ALA A 678 -10.31 12.74 -15.80
C ALA A 678 -9.07 12.98 -16.64
N GLY A 679 -9.20 13.56 -17.83
CA GLY A 679 -8.06 13.89 -18.65
C GLY A 679 -7.53 12.77 -19.51
N ILE A 680 -8.23 11.65 -19.60
CA ILE A 680 -7.78 10.48 -20.35
C ILE A 680 -8.48 10.46 -21.70
N THR A 681 -7.72 10.25 -22.77
CA THR A 681 -8.25 10.14 -24.12
C THR A 681 -8.22 8.68 -24.54
N VAL A 682 -9.34 8.19 -25.08
CA VAL A 682 -9.51 6.78 -25.42
C VAL A 682 -9.75 6.68 -26.92
N ARG A 683 -8.99 5.79 -27.57
CA ARG A 683 -9.12 5.50 -28.99
C ARG A 683 -9.62 4.08 -29.19
N MET A 684 -10.15 3.82 -30.38
CA MET A 684 -10.71 2.53 -30.73
C MET A 684 -9.96 1.97 -31.93
N VAL A 685 -9.49 0.73 -31.81
CA VAL A 685 -8.83 0.02 -32.89
C VAL A 685 -9.64 -1.22 -33.20
N THR A 686 -10.12 -1.33 -34.44
CA THR A 686 -11.04 -2.38 -34.82
C THR A 686 -10.74 -2.84 -36.24
N GLY A 687 -11.16 -4.05 -36.56
CA GLY A 687 -11.05 -4.59 -37.89
C GLY A 687 -12.26 -4.43 -38.77
N ASP A 688 -13.35 -3.87 -38.25
CA ASP A 688 -14.56 -3.68 -39.04
C ASP A 688 -14.38 -2.54 -40.03
N ASN A 689 -15.28 -2.45 -41.00
CA ASN A 689 -15.23 -1.38 -41.97
C ASN A 689 -15.51 -0.04 -41.31
N ILE A 690 -15.08 1.03 -41.98
CA ILE A 690 -15.03 2.34 -41.34
C ILE A 690 -16.41 2.85 -40.97
N ASN A 691 -17.43 2.53 -41.78
CA ASN A 691 -18.77 3.04 -41.50
C ASN A 691 -19.32 2.46 -40.19
N THR A 692 -19.24 1.14 -40.03
CA THR A 692 -19.72 0.52 -38.80
C THR A 692 -18.91 0.97 -37.59
N ALA A 693 -17.59 1.07 -37.75
CA ALA A 693 -16.74 1.50 -36.64
C ALA A 693 -17.10 2.90 -36.19
N ARG A 694 -17.31 3.82 -37.15
CA ARG A 694 -17.68 5.18 -36.77
C ARG A 694 -19.06 5.20 -36.12
N ALA A 695 -20.00 4.40 -36.63
CA ALA A 695 -21.33 4.37 -36.05
C ALA A 695 -21.30 3.90 -34.60
N ILE A 696 -20.51 2.86 -34.31
CA ILE A 696 -20.44 2.38 -32.93
C ILE A 696 -19.61 3.32 -32.05
N ALA A 697 -18.59 3.98 -32.62
CA ALA A 697 -17.80 4.92 -31.84
C ALA A 697 -18.56 6.19 -31.52
N ILE A 698 -19.63 6.49 -32.24
CA ILE A 698 -20.50 7.59 -31.83
C ILE A 698 -21.43 7.17 -30.70
N LYS A 699 -21.96 5.95 -30.74
CA LYS A 699 -22.81 5.48 -29.65
C LYS A 699 -22.03 5.35 -28.35
N CYS A 700 -20.76 4.93 -28.42
CA CYS A 700 -19.97 4.82 -27.21
C CYS A 700 -19.63 6.19 -26.63
N GLY A 701 -19.52 7.21 -27.47
CA GLY A 701 -19.08 8.51 -27.03
C GLY A 701 -17.62 8.82 -27.27
N ILE A 702 -16.90 7.94 -27.96
CA ILE A 702 -15.48 8.17 -28.21
C ILE A 702 -15.30 9.39 -29.11
N ILE A 703 -16.10 9.49 -30.15
CA ILE A 703 -16.06 10.62 -31.08
C ILE A 703 -17.44 11.25 -31.14
N HIS A 704 -17.50 12.56 -30.93
CA HIS A 704 -18.76 13.28 -30.95
C HIS A 704 -19.11 13.72 -32.37
N PRO A 705 -20.41 13.87 -32.67
CA PRO A 705 -20.80 14.16 -34.06
C PRO A 705 -20.19 15.42 -34.63
N GLY A 706 -20.02 16.47 -33.83
CA GLY A 706 -19.39 17.68 -34.32
C GLY A 706 -17.98 17.89 -33.81
N GLU A 707 -16.99 17.59 -34.65
CA GLU A 707 -15.58 17.75 -34.31
C GLU A 707 -14.71 17.42 -35.52
N ASP A 708 -13.40 17.54 -35.38
CA ASP A 708 -12.44 17.21 -36.43
C ASP A 708 -11.53 16.10 -35.90
N PHE A 709 -11.98 14.86 -36.03
CA PHE A 709 -11.26 13.69 -35.54
C PHE A 709 -11.04 12.71 -36.68
N LEU A 710 -9.81 12.25 -36.82
CA LEU A 710 -9.45 11.36 -37.92
C LEU A 710 -10.07 9.98 -37.74
N CYS A 711 -10.50 9.38 -38.84
CA CYS A 711 -11.04 8.04 -38.87
C CYS A 711 -10.47 7.26 -40.04
N LEU A 712 -9.17 7.40 -40.28
CA LEU A 712 -8.55 6.78 -41.44
C LEU A 712 -8.42 5.27 -41.25
N GLU A 713 -8.37 4.56 -42.37
CA GLU A 713 -8.32 3.10 -42.37
C GLU A 713 -6.90 2.60 -42.16
N GLY A 714 -6.73 1.27 -42.18
CA GLY A 714 -5.41 0.69 -41.98
C GLY A 714 -4.48 0.93 -43.16
N LYS A 715 -4.99 0.79 -44.38
CA LYS A 715 -4.15 1.01 -45.55
C LYS A 715 -3.68 2.44 -45.64
N GLU A 716 -4.58 3.40 -45.40
CA GLU A 716 -4.18 4.80 -45.35
C GLU A 716 -3.20 5.06 -44.23
N PHE A 717 -3.40 4.42 -43.07
CA PHE A 717 -2.49 4.60 -41.95
C PHE A 717 -1.08 4.13 -42.29
N ASN A 718 -0.97 2.98 -42.95
CA ASN A 718 0.35 2.49 -43.35
C ASN A 718 0.96 3.37 -44.43
N ARG A 719 0.13 3.88 -45.34
CA ARG A 719 0.65 4.69 -46.44
C ARG A 719 1.17 6.03 -45.95
N ARG A 720 0.47 6.67 -45.03
CA ARG A 720 0.76 8.04 -44.63
C ARG A 720 1.82 8.15 -43.53
N ILE A 721 2.35 7.03 -43.04
CA ILE A 721 3.43 7.07 -42.06
C ILE A 721 4.72 6.50 -42.63
N ARG A 722 4.77 6.25 -43.93
CA ARG A 722 5.96 5.71 -44.60
C ARG A 722 6.23 6.57 -45.83
N ASN A 723 7.08 7.59 -45.67
CA ASN A 723 7.42 8.50 -46.75
C ASN A 723 8.64 8.04 -47.53
N GLU A 724 9.73 7.73 -46.82
CA GLU A 724 10.98 7.29 -47.45
C GLU A 724 10.90 5.78 -47.64
N LYS A 725 10.51 5.36 -48.84
CA LYS A 725 10.31 3.93 -49.18
C LYS A 725 9.36 3.34 -48.15
N GLY A 726 9.66 2.18 -47.59
CA GLY A 726 8.85 1.58 -46.54
C GLY A 726 9.30 1.89 -45.13
N GLU A 727 10.23 2.81 -44.96
CA GLU A 727 10.74 3.14 -43.63
C GLU A 727 9.66 3.83 -42.79
N ILE A 728 9.65 3.52 -41.50
CA ILE A 728 8.74 4.16 -40.55
C ILE A 728 9.46 5.35 -39.94
N GLU A 729 8.83 6.52 -40.03
CA GLU A 729 9.41 7.77 -39.54
C GLU A 729 8.54 8.32 -38.43
N GLN A 730 9.17 8.66 -37.30
CA GLN A 730 8.41 9.17 -36.16
C GLN A 730 7.75 10.51 -36.47
N GLU A 731 8.36 11.31 -37.35
CA GLU A 731 7.76 12.59 -37.70
C GLU A 731 6.42 12.38 -38.40
N ARG A 732 6.35 11.40 -39.30
CA ARG A 732 5.10 11.12 -39.99
C ARG A 732 4.02 10.64 -39.03
N ILE A 733 4.40 9.84 -38.03
CA ILE A 733 3.44 9.35 -37.05
C ILE A 733 2.94 10.50 -36.17
N ASP A 734 3.83 11.43 -35.83
CA ASP A 734 3.47 12.51 -34.91
C ASP A 734 2.41 13.45 -35.48
N LYS A 735 2.13 13.37 -36.78
CA LYS A 735 1.09 14.18 -37.38
C LYS A 735 -0.27 13.49 -37.42
N ILE A 736 -0.37 12.27 -36.91
CA ILE A 736 -1.59 11.47 -36.99
C ILE A 736 -2.17 11.18 -35.61
N TRP A 737 -1.35 10.65 -34.71
CA TRP A 737 -1.89 10.15 -33.44
C TRP A 737 -2.48 11.21 -32.52
N PRO A 738 -2.08 12.50 -32.53
CA PRO A 738 -2.77 13.45 -31.65
C PRO A 738 -4.26 13.57 -31.90
N LYS A 739 -4.71 13.46 -33.16
CA LYS A 739 -6.11 13.69 -33.51
C LYS A 739 -6.74 12.44 -34.14
N LEU A 740 -6.40 11.27 -33.62
CA LEU A 740 -6.89 10.00 -34.14
C LEU A 740 -7.77 9.34 -33.10
N ARG A 741 -8.96 8.91 -33.53
CA ARG A 741 -9.91 8.28 -32.61
C ARG A 741 -10.36 6.90 -33.07
N VAL A 742 -10.52 6.70 -34.37
CA VAL A 742 -11.01 5.43 -34.91
C VAL A 742 -10.00 4.92 -35.93
N LEU A 743 -9.64 3.64 -35.82
CA LEU A 743 -8.72 2.99 -36.75
C LEU A 743 -9.40 1.70 -37.22
N ALA A 744 -10.01 1.74 -38.39
CA ALA A 744 -10.81 0.63 -38.89
C ALA A 744 -10.03 -0.18 -39.92
N ARG A 745 -10.46 -1.44 -40.09
CA ARG A 745 -9.81 -2.38 -41.01
C ARG A 745 -8.32 -2.47 -40.72
N SER A 746 -7.99 -2.54 -39.45
CA SER A 746 -6.60 -2.48 -39.01
C SER A 746 -5.94 -3.85 -39.14
N SER A 747 -4.70 -3.94 -38.68
CA SER A 747 -3.90 -5.14 -38.66
C SER A 747 -3.31 -5.29 -37.27
N PRO A 748 -2.95 -6.52 -36.87
CA PRO A 748 -2.32 -6.67 -35.55
C PRO A 748 -1.04 -5.86 -35.39
N THR A 749 -0.29 -5.65 -36.47
CA THR A 749 0.89 -4.79 -36.40
C THR A 749 0.53 -3.31 -36.35
N ASP A 750 -0.65 -2.93 -36.82
CA ASP A 750 -1.06 -1.52 -36.78
C ASP A 750 -1.22 -1.04 -35.34
N LYS A 751 -1.80 -1.86 -34.47
CA LYS A 751 -1.90 -1.49 -33.07
C LYS A 751 -0.51 -1.32 -32.45
N HIS A 752 0.42 -2.23 -32.77
CA HIS A 752 1.76 -2.13 -32.23
C HIS A 752 2.45 -0.85 -32.69
N THR A 753 2.32 -0.52 -33.98
CA THR A 753 3.00 0.67 -34.46
C THR A 753 2.35 1.93 -33.92
N LEU A 754 1.03 1.93 -33.71
CA LEU A 754 0.40 3.09 -33.09
C LEU A 754 0.86 3.27 -31.65
N VAL A 755 0.95 2.18 -30.88
CA VAL A 755 1.41 2.28 -29.51
C VAL A 755 2.84 2.77 -29.46
N LYS A 756 3.70 2.23 -30.34
CA LYS A 756 5.09 2.66 -30.38
C LYS A 756 5.19 4.14 -30.75
N GLY A 757 4.38 4.59 -31.71
CA GLY A 757 4.42 5.98 -32.10
C GLY A 757 3.95 6.92 -31.00
N ILE A 758 2.93 6.52 -30.26
CA ILE A 758 2.42 7.37 -29.18
C ILE A 758 3.41 7.43 -28.02
N ILE A 759 3.95 6.27 -27.62
CA ILE A 759 4.82 6.23 -26.45
C ILE A 759 6.13 6.96 -26.73
N ASP A 760 6.75 6.70 -27.87
CA ASP A 760 8.07 7.22 -28.18
C ASP A 760 8.05 8.66 -28.66
N SER A 761 6.88 9.26 -28.85
CA SER A 761 6.81 10.62 -29.37
C SER A 761 7.34 11.61 -28.33
N THR A 762 8.13 12.58 -28.81
CA THR A 762 8.61 13.69 -28.00
C THR A 762 8.03 15.02 -28.47
N HIS A 763 6.90 14.98 -29.17
CA HIS A 763 6.31 16.19 -29.74
C HIS A 763 5.47 16.95 -28.71
N THR A 764 4.55 16.25 -28.05
CA THR A 764 3.66 16.91 -27.10
C THR A 764 4.42 17.34 -25.85
N GLU A 765 3.83 18.31 -25.14
CA GLU A 765 4.50 18.92 -23.99
C GLU A 765 4.64 17.98 -22.81
N GLN A 766 3.90 16.87 -22.78
CA GLN A 766 3.93 15.94 -21.66
C GLN A 766 4.24 14.54 -22.17
N ARG A 767 5.09 13.83 -21.44
CA ARG A 767 5.34 12.43 -21.78
C ARG A 767 4.08 11.62 -21.57
N GLN A 768 3.87 10.64 -22.46
CA GLN A 768 2.63 9.88 -22.50
C GLN A 768 2.86 8.48 -21.95
N VAL A 769 1.98 8.05 -21.05
CA VAL A 769 1.92 6.68 -20.57
C VAL A 769 0.59 6.09 -21.01
N VAL A 770 0.64 4.99 -21.76
CA VAL A 770 -0.55 4.45 -22.39
C VAL A 770 -0.88 3.08 -21.79
N ALA A 771 -2.15 2.72 -21.87
CA ALA A 771 -2.65 1.41 -21.47
C ALA A 771 -3.28 0.76 -22.69
N VAL A 772 -3.06 -0.54 -22.84
CA VAL A 772 -3.55 -1.26 -24.01
C VAL A 772 -4.37 -2.45 -23.56
N THR A 773 -5.61 -2.54 -24.05
CA THR A 773 -6.43 -3.73 -23.85
C THR A 773 -6.25 -4.64 -25.05
N GLY A 774 -5.98 -5.91 -24.79
CA GLY A 774 -5.65 -6.84 -25.86
C GLY A 774 -6.31 -8.18 -25.65
N ASP A 775 -6.50 -8.88 -26.76
CA ASP A 775 -7.03 -10.24 -26.75
C ASP A 775 -6.72 -10.85 -28.11
N GLY A 776 -5.98 -11.95 -28.12
CA GLY A 776 -5.63 -12.58 -29.37
C GLY A 776 -4.22 -13.09 -29.45
N THR A 777 -3.86 -13.66 -30.61
CA THR A 777 -2.53 -14.21 -30.80
C THR A 777 -1.48 -13.13 -30.97
N ASN A 778 -1.71 -12.22 -31.91
CA ASN A 778 -0.68 -11.29 -32.34
C ASN A 778 -0.66 -10.03 -31.50
N ASP A 779 -1.45 -9.98 -30.42
CA ASP A 779 -1.38 -8.89 -29.47
C ASP A 779 -0.35 -9.18 -28.38
N GLY A 780 0.83 -9.61 -28.82
CA GLY A 780 1.93 -9.88 -27.91
C GLY A 780 2.90 -8.73 -27.80
N PRO A 781 3.42 -8.24 -28.93
CA PRO A 781 4.32 -7.08 -28.87
C PRO A 781 3.60 -5.79 -28.55
N ALA A 782 2.42 -5.56 -29.13
CA ALA A 782 1.67 -4.35 -28.87
C ALA A 782 1.25 -4.26 -27.41
N LEU A 783 1.02 -5.40 -26.77
CA LEU A 783 0.59 -5.46 -25.39
C LEU A 783 1.75 -5.39 -24.41
N LYS A 784 2.99 -5.53 -24.89
CA LYS A 784 4.16 -5.41 -24.05
C LYS A 784 4.89 -4.09 -24.21
N LYS A 785 4.79 -3.46 -25.37
CA LYS A 785 5.35 -2.12 -25.53
C LYS A 785 4.63 -1.10 -24.65
N ALA A 786 3.34 -1.32 -24.41
CA ALA A 786 2.55 -0.40 -23.61
C ALA A 786 3.03 -0.40 -22.16
N ASP A 787 2.65 0.65 -21.43
CA ASP A 787 3.06 0.76 -20.05
C ASP A 787 2.26 -0.16 -19.13
N VAL A 788 1.02 -0.48 -19.51
CA VAL A 788 0.20 -1.41 -18.75
C VAL A 788 -0.79 -2.06 -19.70
N GLY A 789 -0.89 -3.38 -19.63
CA GLY A 789 -1.71 -4.17 -20.53
C GLY A 789 -2.85 -4.84 -19.78
N PHE A 790 -4.01 -4.87 -20.41
CA PHE A 790 -5.22 -5.45 -19.85
C PHE A 790 -5.63 -6.66 -20.69
N ALA A 791 -5.61 -7.83 -20.07
CA ALA A 791 -6.04 -9.05 -20.74
C ALA A 791 -7.51 -9.31 -20.45
N MET A 792 -8.13 -10.10 -21.32
CA MET A 792 -9.56 -10.33 -21.29
C MET A 792 -9.85 -11.58 -20.47
N GLY A 793 -10.85 -11.49 -19.61
CA GLY A 793 -11.12 -12.56 -18.67
C GLY A 793 -11.60 -13.86 -19.29
N ILE A 794 -12.73 -13.82 -19.97
CA ILE A 794 -13.34 -15.01 -20.54
C ILE A 794 -12.96 -15.21 -22.00
N ALA A 795 -12.95 -14.14 -22.78
CA ALA A 795 -12.63 -14.22 -24.20
C ALA A 795 -11.13 -14.15 -24.47
N GLY A 796 -10.30 -14.04 -23.44
CA GLY A 796 -8.87 -13.85 -23.64
C GLY A 796 -8.13 -15.17 -23.75
N THR A 797 -7.25 -15.26 -24.74
CA THR A 797 -6.44 -16.44 -24.94
C THR A 797 -5.26 -16.44 -23.97
N ASP A 798 -4.60 -17.60 -23.85
CA ASP A 798 -3.50 -17.73 -22.91
C ASP A 798 -2.29 -16.90 -23.31
N VAL A 799 -2.10 -16.66 -24.61
CA VAL A 799 -0.96 -15.86 -25.05
C VAL A 799 -1.13 -14.40 -24.61
N ALA A 800 -2.36 -13.88 -24.68
CA ALA A 800 -2.62 -12.52 -24.25
C ALA A 800 -2.75 -12.38 -22.74
N LYS A 801 -2.87 -13.49 -22.01
CA LYS A 801 -2.91 -13.43 -20.55
C LYS A 801 -1.53 -13.51 -19.91
N GLU A 802 -0.56 -14.11 -20.60
CA GLU A 802 0.79 -14.25 -20.07
C GLU A 802 1.68 -13.06 -20.40
N ALA A 803 1.17 -12.08 -21.14
CA ALA A 803 1.93 -10.88 -21.47
C ALA A 803 1.37 -9.62 -20.83
N SER A 804 0.23 -9.71 -20.17
CA SER A 804 -0.46 -8.55 -19.66
C SER A 804 -0.02 -8.24 -18.23
N ASP A 805 -0.46 -7.09 -17.73
CA ASP A 805 -0.23 -6.67 -16.35
C ASP A 805 -1.46 -6.84 -15.47
N ILE A 806 -2.65 -6.52 -15.98
CA ILE A 806 -3.90 -6.68 -15.25
C ILE A 806 -4.86 -7.47 -16.12
N ILE A 807 -5.68 -8.31 -15.49
CA ILE A 807 -6.69 -9.10 -16.18
C ILE A 807 -8.05 -8.65 -15.72
N LEU A 808 -8.95 -8.36 -16.67
CA LEU A 808 -10.30 -7.93 -16.36
C LEU A 808 -11.21 -9.16 -16.27
N THR A 809 -11.79 -9.40 -15.10
CA THR A 809 -12.57 -10.60 -14.90
C THR A 809 -13.93 -10.52 -15.60
N ASP A 810 -14.60 -9.38 -15.54
CA ASP A 810 -15.94 -9.23 -16.08
C ASP A 810 -15.96 -8.77 -17.52
N ASP A 811 -14.79 -8.49 -18.11
CA ASP A 811 -14.60 -8.02 -19.48
C ASP A 811 -15.07 -6.59 -19.72
N ASN A 812 -15.68 -5.94 -18.73
CA ASN A 812 -16.22 -4.61 -18.95
C ASN A 812 -15.11 -3.58 -19.11
N PHE A 813 -15.35 -2.60 -19.98
CA PHE A 813 -14.46 -1.45 -20.05
C PHE A 813 -14.56 -0.62 -18.78
N SER A 814 -15.73 -0.58 -18.15
CA SER A 814 -15.92 0.23 -16.95
C SER A 814 -15.08 -0.25 -15.78
N SER A 815 -14.53 -1.46 -15.85
CA SER A 815 -13.58 -1.88 -14.83
C SER A 815 -12.29 -1.08 -14.92
N ILE A 816 -11.85 -0.77 -16.14
CA ILE A 816 -10.60 -0.04 -16.33
C ILE A 816 -10.62 1.26 -15.54
N VAL A 817 -11.73 1.99 -15.62
CA VAL A 817 -11.85 3.25 -14.91
C VAL A 817 -11.62 3.06 -13.41
N LYS A 818 -12.21 1.99 -12.85
CA LYS A 818 -11.98 1.70 -11.44
C LYS A 818 -10.50 1.59 -11.15
N ALA A 819 -9.78 0.85 -12.00
CA ALA A 819 -8.33 0.73 -11.84
C ALA A 819 -7.68 2.11 -11.74
N VAL A 820 -8.04 3.02 -12.64
CA VAL A 820 -7.46 4.35 -12.61
C VAL A 820 -7.67 4.98 -11.24
N MET A 821 -8.89 4.92 -10.73
CA MET A 821 -9.16 5.47 -9.41
C MET A 821 -8.29 4.82 -8.35
N TRP A 822 -8.24 3.48 -8.37
CA TRP A 822 -7.45 2.79 -7.37
C TRP A 822 -5.96 3.06 -7.51
N GLY A 823 -5.53 3.55 -8.67
CA GLY A 823 -4.15 4.00 -8.77
C GLY A 823 -3.94 5.32 -8.06
N ARG A 824 -4.82 6.29 -8.32
CA ARG A 824 -4.63 7.62 -7.76
C ARG A 824 -4.65 7.57 -6.24
N ASN A 825 -5.59 6.80 -5.68
CA ASN A 825 -5.66 6.66 -4.22
C ASN A 825 -4.31 6.30 -3.64
N VAL A 826 -3.60 5.36 -4.27
CA VAL A 826 -2.30 4.95 -3.75
C VAL A 826 -1.42 6.17 -3.52
N TYR A 827 -1.23 6.97 -4.58
CA TYR A 827 -0.42 8.17 -4.45
C TYR A 827 -0.93 9.03 -3.30
N ASP A 828 -2.23 9.32 -3.30
CA ASP A 828 -2.79 10.19 -2.28
C ASP A 828 -2.47 9.66 -0.90
N SER A 829 -2.60 8.36 -0.68
CA SER A 829 -2.34 7.81 0.64
C SER A 829 -0.96 8.20 1.12
N ILE A 830 0.06 7.92 0.29
CA ILE A 830 1.42 8.25 0.70
C ILE A 830 1.51 9.72 1.05
N SER A 831 0.93 10.57 0.19
CA SER A 831 1.03 12.01 0.40
C SER A 831 0.57 12.38 1.81
N LYS A 832 -0.63 11.91 2.20
CA LYS A 832 -1.13 12.38 3.48
C LYS A 832 -0.24 11.90 4.61
N PHE A 833 0.24 10.65 4.53
CA PHE A 833 1.15 10.18 5.56
C PHE A 833 2.34 11.12 5.67
N LEU A 834 2.97 11.42 4.54
CA LEU A 834 4.14 12.30 4.56
C LEU A 834 3.81 13.57 5.32
N GLN A 835 2.70 14.20 4.94
CA GLN A 835 2.28 15.43 5.59
C GLN A 835 2.39 15.29 7.10
N PHE A 836 1.61 14.36 7.67
CA PHE A 836 1.58 14.22 9.11
C PHE A 836 2.99 14.05 9.65
N GLN A 837 3.70 13.07 9.11
CA GLN A 837 5.02 12.76 9.67
C GLN A 837 5.88 14.00 9.70
N LEU A 838 5.98 14.70 8.58
CA LEU A 838 6.92 15.81 8.51
C LEU A 838 6.62 16.81 9.61
N THR A 839 5.34 17.18 9.75
CA THR A 839 4.99 18.18 10.74
C THR A 839 5.53 17.79 12.10
N VAL A 840 5.21 16.56 12.52
CA VAL A 840 5.64 16.12 13.85
C VAL A 840 7.13 16.36 14.01
N ASN A 841 7.93 15.75 13.13
CA ASN A 841 9.35 15.76 13.46
C ASN A 841 9.91 17.15 13.39
N VAL A 842 9.36 18.02 12.53
CA VAL A 842 9.84 19.39 12.49
C VAL A 842 9.76 19.98 13.89
N VAL A 843 8.56 19.99 14.45
CA VAL A 843 8.37 20.56 15.78
C VAL A 843 9.32 19.89 16.75
N ALA A 844 9.36 18.55 16.74
CA ALA A 844 10.15 17.84 17.72
C ALA A 844 11.58 18.31 17.67
N VAL A 845 12.16 18.32 16.46
CA VAL A 845 13.58 18.67 16.35
C VAL A 845 13.79 20.08 16.87
N ILE A 846 12.94 21.01 16.44
CA ILE A 846 13.13 22.40 16.85
C ILE A 846 13.09 22.50 18.36
N VAL A 847 12.16 21.80 18.99
CA VAL A 847 12.04 21.89 20.44
C VAL A 847 13.36 21.49 21.08
N ALA A 848 13.94 20.38 20.63
CA ALA A 848 15.21 19.95 21.21
C ALA A 848 16.28 21.02 21.01
N PHE A 849 16.37 21.57 19.81
CA PHE A 849 17.40 22.56 19.54
C PHE A 849 17.17 23.86 20.31
N THR A 850 15.95 24.09 20.79
CA THR A 850 15.72 25.26 21.63
C THR A 850 15.76 24.92 23.11
N GLY A 851 15.71 23.64 23.46
CA GLY A 851 15.94 23.26 24.84
C GLY A 851 17.40 23.26 25.20
N ALA A 852 18.29 23.07 24.22
CA ALA A 852 19.72 23.03 24.50
C ALA A 852 20.35 24.41 24.59
N CYS A 853 19.68 25.45 24.12
CA CYS A 853 20.25 26.79 24.10
C CYS A 853 19.70 27.67 25.22
N ILE A 854 18.38 27.80 25.31
CA ILE A 854 17.78 28.65 26.34
C ILE A 854 17.98 28.01 27.71
N THR A 855 17.65 26.73 27.84
CA THR A 855 17.96 25.95 29.02
C THR A 855 19.08 24.97 28.67
N GLN A 856 19.40 24.06 29.59
CA GLN A 856 20.46 23.10 29.36
C GLN A 856 19.93 21.67 29.33
N ASP A 857 18.72 21.48 28.83
CA ASP A 857 18.10 20.17 28.76
C ASP A 857 16.89 20.26 27.84
N SER A 858 16.61 19.16 27.16
CA SER A 858 15.42 19.10 26.31
C SER A 858 14.17 18.97 27.18
N PRO A 859 13.11 19.74 26.89
CA PRO A 859 11.87 19.61 27.67
C PRO A 859 11.22 18.24 27.57
N LEU A 860 11.52 17.46 26.53
CA LEU A 860 10.98 16.12 26.36
C LEU A 860 12.11 15.11 26.54
N LYS A 861 11.93 14.19 27.47
CA LYS A 861 12.97 13.21 27.77
C LYS A 861 13.06 12.17 26.66
N ALA A 862 14.05 11.29 26.78
CA ALA A 862 14.33 10.33 25.72
C ALA A 862 13.20 9.32 25.53
N VAL A 863 12.66 8.79 26.63
CA VAL A 863 11.64 7.76 26.52
C VAL A 863 10.34 8.34 25.98
N GLN A 864 10.00 9.56 26.39
CA GLN A 864 8.82 10.22 25.84
C GLN A 864 8.99 10.52 24.35
N MET A 865 10.19 10.94 23.94
CA MET A 865 10.44 11.15 22.52
C MET A 865 10.35 9.85 21.74
N LEU A 866 10.75 8.72 22.34
CA LEU A 866 10.60 7.45 21.66
C LEU A 866 9.14 7.02 21.55
N TRP A 867 8.32 7.34 22.56
CA TRP A 867 6.88 7.11 22.43
C TRP A 867 6.29 7.94 21.31
N VAL A 868 6.71 9.21 21.20
CA VAL A 868 6.23 10.07 20.11
C VAL A 868 6.64 9.50 18.76
N ASN A 869 7.89 9.03 18.65
CA ASN A 869 8.35 8.44 17.39
C ASN A 869 7.55 7.19 17.05
N LEU A 870 7.29 6.34 18.04
CA LEU A 870 6.48 5.16 17.79
C LEU A 870 5.12 5.54 17.23
N ILE A 871 4.42 6.43 17.93
CA ILE A 871 3.11 6.90 17.45
C ILE A 871 3.23 7.35 16.01
N MET A 872 4.03 8.41 15.78
CA MET A 872 4.08 9.04 14.47
C MET A 872 4.40 8.01 13.39
N ASP A 873 5.58 7.40 13.44
CA ASP A 873 5.98 6.55 12.33
C ASP A 873 5.06 5.33 12.19
N THR A 874 5.06 4.45 13.19
CA THR A 874 4.39 3.17 12.98
C THR A 874 2.88 3.36 12.81
N PHE A 875 2.25 4.11 13.71
CA PHE A 875 0.80 4.17 13.66
C PHE A 875 0.29 5.08 12.55
N ALA A 876 1.02 6.13 12.17
CA ALA A 876 0.61 6.90 11.01
C ALA A 876 0.73 6.08 9.74
N SER A 877 1.79 5.26 9.62
CA SER A 877 1.90 4.40 8.46
C SER A 877 0.75 3.40 8.41
N LEU A 878 0.37 2.85 9.58
CA LEU A 878 -0.69 1.84 9.59
C LEU A 878 -2.09 2.43 9.41
N ALA A 879 -2.32 3.66 9.85
CA ALA A 879 -3.66 4.24 9.90
C ALA A 879 -3.99 5.14 8.72
N LEU A 880 -3.02 5.92 8.24
CA LEU A 880 -3.26 6.86 7.14
C LEU A 880 -3.03 6.25 5.77
N ALA A 881 -2.57 5.01 5.68
CA ALA A 881 -2.28 4.37 4.41
C ALA A 881 -3.35 3.36 3.99
N THR A 882 -4.46 3.28 4.72
CA THR A 882 -5.55 2.38 4.37
C THR A 882 -6.84 3.16 4.09
N GLU A 883 -6.71 4.39 3.63
CA GLU A 883 -7.90 5.19 3.34
C GLU A 883 -8.61 4.67 2.10
N PRO A 884 -9.91 4.41 2.16
CA PRO A 884 -10.64 3.95 0.99
C PRO A 884 -10.77 5.04 -0.05
N PRO A 885 -10.94 4.69 -1.32
CA PRO A 885 -11.02 5.70 -2.37
C PRO A 885 -12.44 6.22 -2.54
N THR A 886 -12.51 7.46 -3.05
CA THR A 886 -13.77 8.11 -3.35
C THR A 886 -13.82 8.45 -4.83
N GLU A 887 -15.03 8.70 -5.32
CA GLU A 887 -15.22 9.07 -6.72
C GLU A 887 -14.65 10.45 -7.04
N THR A 888 -14.26 11.23 -6.04
CA THR A 888 -13.67 12.53 -6.30
C THR A 888 -12.27 12.44 -6.90
N LEU A 889 -11.64 11.26 -6.80
CA LEU A 889 -10.31 11.11 -7.38
C LEU A 889 -10.33 11.24 -8.89
N LEU A 890 -11.43 10.83 -9.53
CA LEU A 890 -11.54 10.91 -10.98
C LEU A 890 -12.06 12.28 -11.43
N LEU A 891 -11.41 13.33 -10.96
CA LEU A 891 -11.77 14.70 -11.37
C LEU A 891 -10.55 15.58 -11.56
N ARG A 892 -9.34 15.02 -11.49
CA ARG A 892 -8.11 15.79 -11.56
C ARG A 892 -7.29 15.28 -12.74
N LYS A 893 -6.66 16.21 -13.46
CA LYS A 893 -5.86 15.82 -14.61
C LYS A 893 -4.70 14.94 -14.17
N PRO A 894 -4.26 14.00 -15.01
CA PRO A 894 -3.18 13.10 -14.61
C PRO A 894 -1.90 13.86 -14.31
N TYR A 895 -1.19 13.39 -13.28
CA TYR A 895 -0.01 14.10 -12.80
C TYR A 895 1.17 13.89 -13.75
N GLY A 896 2.11 14.83 -13.70
CA GLY A 896 3.28 14.76 -14.53
C GLY A 896 4.28 13.73 -14.04
N ARG A 897 5.45 13.72 -14.67
CA ARG A 897 6.50 12.79 -14.32
C ARG A 897 7.43 13.34 -13.25
N ASN A 898 7.79 14.62 -13.35
CA ASN A 898 8.69 15.24 -12.40
C ASN A 898 7.95 16.08 -11.36
N LYS A 899 6.68 15.78 -11.12
CA LYS A 899 5.95 16.47 -10.08
C LYS A 899 6.53 16.11 -8.71
N PRO A 900 6.77 17.08 -7.85
CA PRO A 900 7.38 16.78 -6.55
C PRO A 900 6.39 16.17 -5.58
N LEU A 901 6.92 15.43 -4.61
CA LEU A 901 6.08 14.80 -3.60
C LEU A 901 5.40 15.85 -2.72
N ILE A 902 6.17 16.80 -2.20
CA ILE A 902 5.65 17.80 -1.27
C ILE A 902 4.99 18.92 -2.07
N SER A 903 3.70 18.80 -2.31
CA SER A 903 2.97 19.80 -3.09
C SER A 903 2.83 21.08 -2.28
N ARG A 904 2.23 22.09 -2.90
CA ARG A 904 2.14 23.40 -2.27
C ARG A 904 1.21 23.37 -1.06
N THR A 905 0.06 22.72 -1.18
CA THR A 905 -0.87 22.65 -0.06
C THR A 905 -0.30 21.85 1.10
N MET A 906 0.43 20.77 0.81
CA MET A 906 1.03 19.99 1.88
C MET A 906 2.04 20.81 2.67
N MET A 907 2.88 21.59 1.99
CA MET A 907 3.85 22.38 2.72
C MET A 907 3.20 23.56 3.44
N LYS A 908 2.12 24.12 2.89
CA LYS A 908 1.38 25.13 3.63
C LYS A 908 0.79 24.56 4.92
N ASN A 909 0.22 23.36 4.85
CA ASN A 909 -0.31 22.72 6.05
C ASN A 909 0.80 22.44 7.05
N ILE A 910 1.94 21.94 6.58
CA ILE A 910 3.07 21.64 7.46
C ILE A 910 3.50 22.91 8.19
N LEU A 911 3.72 24.00 7.46
CA LEU A 911 4.19 25.23 8.08
C LEU A 911 3.18 25.80 9.06
N GLY A 912 1.90 25.84 8.68
CA GLY A 912 0.91 26.43 9.56
C GLY A 912 0.75 25.66 10.86
N HIS A 913 0.63 24.34 10.76
CA HIS A 913 0.43 23.56 11.97
C HIS A 913 1.70 23.54 12.82
N ALA A 914 2.87 23.55 12.21
CA ALA A 914 4.11 23.66 12.98
C ALA A 914 4.17 24.99 13.71
N VAL A 915 3.72 26.08 13.09
CA VAL A 915 3.74 27.38 13.74
C VAL A 915 2.86 27.35 14.99
N TYR A 916 1.64 26.82 14.87
CA TYR A 916 0.75 26.78 16.03
C TYR A 916 1.33 25.92 17.15
N GLN A 917 1.83 24.73 16.81
CA GLN A 917 2.37 23.85 17.85
C GLN A 917 3.59 24.47 18.51
N LEU A 918 4.48 25.10 17.74
CA LEU A 918 5.67 25.70 18.31
C LEU A 918 5.34 26.85 19.25
N THR A 919 4.41 27.74 18.85
CA THR A 919 4.10 28.84 19.75
C THR A 919 3.45 28.34 21.04
N LEU A 920 2.55 27.37 20.94
CA LEU A 920 1.94 26.85 22.17
C LEU A 920 2.98 26.18 23.07
N ILE A 921 3.89 25.39 22.49
CA ILE A 921 4.86 24.68 23.31
C ILE A 921 5.81 25.66 23.99
N PHE A 922 6.29 26.67 23.28
CA PHE A 922 7.20 27.63 23.89
C PHE A 922 6.50 28.46 24.96
N THR A 923 5.26 28.90 24.70
CA THR A 923 4.53 29.64 25.71
C THR A 923 4.36 28.81 26.98
N LEU A 924 3.97 27.54 26.83
CA LEU A 924 3.89 26.67 28.00
C LEU A 924 5.24 26.57 28.69
N LEU A 925 6.29 26.26 27.94
CA LEU A 925 7.60 25.99 28.56
C LEU A 925 8.10 27.19 29.35
N PHE A 926 7.73 28.40 28.96
CA PHE A 926 8.27 29.56 29.68
C PHE A 926 7.30 30.23 30.64
N VAL A 927 5.99 29.97 30.55
CA VAL A 927 5.05 30.68 31.43
C VAL A 927 4.08 29.69 32.07
N GLY A 928 4.41 28.41 32.05
CA GLY A 928 3.51 27.44 32.65
C GLY A 928 3.53 27.40 34.15
N GLU A 929 4.59 27.93 34.77
CA GLU A 929 4.61 28.01 36.22
C GLU A 929 3.61 29.03 36.73
N LYS A 930 3.30 30.05 35.93
CA LYS A 930 2.38 31.11 36.32
C LYS A 930 0.98 30.91 35.77
N MET A 931 0.84 30.36 34.56
CA MET A 931 -0.49 30.13 34.02
C MET A 931 -1.25 29.10 34.85
N PHE A 932 -0.59 28.01 35.24
CA PHE A 932 -1.24 26.94 35.98
C PHE A 932 -1.00 27.02 37.48
N GLN A 933 -0.06 27.84 37.94
CA GLN A 933 0.36 27.89 39.33
C GLN A 933 0.80 26.51 39.82
N ILE A 934 1.88 26.02 39.22
CA ILE A 934 2.23 24.62 39.33
C ILE A 934 3.70 24.39 39.66
N ASP A 935 4.43 25.46 39.98
CA ASP A 935 5.85 25.37 40.35
C ASP A 935 6.72 24.96 39.16
N SER A 936 7.67 25.81 38.79
CA SER A 936 8.45 25.59 37.58
C SER A 936 9.33 24.37 37.70
N GLY A 937 9.41 23.60 36.62
CA GLY A 937 10.26 22.43 36.53
C GLY A 937 11.53 22.63 35.73
N ARG A 938 11.89 23.86 35.41
CA ARG A 938 13.10 24.13 34.64
C ARG A 938 14.33 24.05 35.52
N ASN A 939 15.47 23.81 34.87
CA ASN A 939 16.77 23.76 35.52
C ASN A 939 16.81 22.73 36.65
N ALA A 940 16.09 21.63 36.46
CA ALA A 940 16.08 20.57 37.45
C ALA A 940 17.42 19.84 37.44
N PRO A 941 18.03 19.60 38.60
CA PRO A 941 19.33 18.91 38.61
C PRO A 941 19.22 17.45 38.21
N LEU A 942 20.37 16.78 38.12
CA LEU A 942 20.40 15.38 37.74
C LEU A 942 19.72 14.51 38.79
N HIS A 943 19.09 13.43 38.33
CA HIS A 943 18.37 12.49 39.19
C HIS A 943 17.34 13.21 40.06
N SER A 944 16.49 13.99 39.40
CA SER A 944 15.48 14.74 40.13
C SER A 944 14.09 14.15 39.90
N PRO A 945 13.18 14.28 40.87
CA PRO A 945 11.84 13.73 40.68
C PRO A 945 11.11 14.45 39.57
N PRO A 946 10.21 13.77 38.87
CA PRO A 946 9.47 14.44 37.80
C PRO A 946 8.55 15.52 38.34
N SER A 947 8.33 16.54 37.52
CA SER A 947 7.44 17.64 37.85
C SER A 947 6.22 17.59 36.96
N GLU A 948 5.15 18.27 37.38
CA GLU A 948 3.97 18.38 36.56
C GLU A 948 3.96 19.66 35.72
N HIS A 949 5.06 20.40 35.69
CA HIS A 949 5.21 21.45 34.70
C HIS A 949 5.63 20.88 33.35
N TYR A 950 6.41 19.79 33.36
CA TYR A 950 6.86 19.16 32.13
C TYR A 950 5.93 18.05 31.65
N THR A 951 5.23 17.40 32.58
CA THR A 951 4.21 16.42 32.18
C THR A 951 3.10 17.10 31.39
N ILE A 952 2.78 18.34 31.74
CA ILE A 952 1.77 19.08 30.98
C ILE A 952 2.25 19.34 29.56
N ILE A 953 3.53 19.69 29.39
CA ILE A 953 4.06 19.92 28.06
C ILE A 953 4.03 18.63 27.23
N PHE A 954 4.45 17.51 27.83
CA PHE A 954 4.42 16.24 27.12
C PHE A 954 2.99 15.88 26.71
N ASN A 955 2.03 16.03 27.64
CA ASN A 955 0.65 15.68 27.35
C ASN A 955 0.06 16.55 26.26
N THR A 956 0.32 17.86 26.32
CA THR A 956 -0.18 18.77 25.29
C THR A 956 0.42 18.43 23.93
N PHE A 957 1.72 18.10 23.89
CA PHE A 957 2.35 17.71 22.64
C PHE A 957 1.65 16.50 22.03
N VAL A 958 1.40 15.48 22.84
CA VAL A 958 0.79 14.27 22.29
C VAL A 958 -0.66 14.52 21.85
N MET A 959 -1.43 15.27 22.63
CA MET A 959 -2.80 15.57 22.24
C MET A 959 -2.85 16.37 20.94
N MET A 960 -1.95 17.34 20.79
CA MET A 960 -1.89 18.09 19.55
C MET A 960 -1.57 17.17 18.38
N GLN A 961 -0.67 16.21 18.59
CA GLN A 961 -0.33 15.27 17.51
C GLN A 961 -1.54 14.44 17.08
N LEU A 962 -2.34 13.97 18.05
CA LEU A 962 -3.52 13.17 17.69
C LEU A 962 -4.57 14.01 16.94
N PHE A 963 -4.90 15.19 17.48
CA PHE A 963 -5.90 16.02 16.83
C PHE A 963 -5.43 16.57 15.49
N ASN A 964 -4.12 16.60 15.25
CA ASN A 964 -3.59 16.95 13.94
C ASN A 964 -3.51 15.74 13.02
N GLU A 965 -3.41 14.54 13.57
CA GLU A 965 -3.55 13.34 12.75
C GLU A 965 -4.93 13.26 12.14
N ILE A 966 -5.95 13.69 12.89
CA ILE A 966 -7.29 13.79 12.30
C ILE A 966 -7.30 14.79 11.14
N ASN A 967 -6.57 15.90 11.29
CA ASN A 967 -6.54 16.92 10.24
C ASN A 967 -5.81 16.46 8.99
N ALA A 968 -4.80 15.62 9.15
CA ALA A 968 -3.91 15.24 8.06
C ALA A 968 -4.52 14.25 7.08
N ARG A 969 -5.84 14.06 7.10
CA ARG A 969 -6.52 13.19 6.17
C ARG A 969 -7.03 13.92 4.93
N LYS A 970 -6.72 15.20 4.80
CA LYS A 970 -7.17 16.01 3.67
C LYS A 970 -5.98 16.73 3.06
N ILE A 971 -5.73 16.49 1.78
CA ILE A 971 -4.59 17.06 1.10
C ILE A 971 -4.97 18.24 0.20
N HIS A 972 -6.21 18.32 -0.26
CA HIS A 972 -6.60 19.26 -1.29
C HIS A 972 -7.42 20.43 -0.75
N GLY A 973 -7.16 20.83 0.48
CA GLY A 973 -7.85 21.98 1.04
C GLY A 973 -9.28 21.74 1.45
N GLU A 974 -9.71 20.48 1.54
CA GLU A 974 -11.07 20.18 1.99
C GLU A 974 -11.25 20.69 3.41
N ARG A 975 -12.46 21.17 3.70
CA ARG A 975 -12.78 21.71 5.02
C ARG A 975 -13.44 20.69 5.93
N ASN A 976 -14.38 19.91 5.42
CA ASN A 976 -15.03 18.90 6.24
C ASN A 976 -14.08 17.75 6.50
N VAL A 977 -13.36 17.80 7.62
CA VAL A 977 -12.34 16.80 7.90
C VAL A 977 -12.98 15.44 8.19
N PHE A 978 -14.12 15.43 8.86
CA PHE A 978 -14.73 14.19 9.32
C PHE A 978 -15.48 13.44 8.22
N ASP A 979 -15.31 13.82 6.95
CA ASP A 979 -16.02 13.16 5.87
C ASP A 979 -15.46 11.77 5.62
N GLY A 980 -16.30 10.76 5.78
CA GLY A 980 -15.87 9.39 5.53
C GLY A 980 -14.97 8.80 6.59
N ILE A 981 -14.99 9.34 7.81
CA ILE A 981 -14.10 8.87 8.85
C ILE A 981 -14.48 7.48 9.34
N PHE A 982 -15.74 7.08 9.18
CA PHE A 982 -16.20 5.80 9.71
C PHE A 982 -16.13 4.67 8.69
N ARG A 983 -15.63 4.94 7.50
CA ARG A 983 -15.38 3.89 6.51
C ARG A 983 -14.03 3.23 6.70
N ASN A 984 -13.24 3.69 7.67
CA ASN A 984 -11.91 3.15 7.95
C ASN A 984 -11.82 2.89 9.44
N PRO A 985 -12.27 1.73 9.91
CA PRO A 985 -12.23 1.45 11.35
C PRO A 985 -10.83 1.36 11.92
N ILE A 986 -9.81 1.12 11.09
CA ILE A 986 -8.43 1.06 11.59
C ILE A 986 -8.01 2.42 12.13
N PHE A 987 -8.36 3.50 11.43
CA PHE A 987 -8.02 4.84 11.90
C PHE A 987 -8.61 5.12 13.27
N CYS A 988 -9.92 4.87 13.41
CA CYS A 988 -10.60 5.15 14.68
C CYS A 988 -10.04 4.27 15.79
N THR A 989 -9.81 2.99 15.51
CA THR A 989 -9.27 2.08 16.52
C THR A 989 -7.90 2.55 16.99
N ILE A 990 -7.02 2.90 16.05
CA ILE A 990 -5.66 3.29 16.42
C ILE A 990 -5.67 4.59 17.20
N VAL A 991 -6.47 5.58 16.77
CA VAL A 991 -6.48 6.86 17.47
C VAL A 991 -7.03 6.70 18.90
N LEU A 992 -8.12 5.94 19.06
CA LEU A 992 -8.66 5.76 20.40
C LEU A 992 -7.72 4.96 21.29
N GLY A 993 -7.08 3.92 20.74
CA GLY A 993 -6.12 3.17 21.53
C GLY A 993 -4.95 4.03 21.97
N THR A 994 -4.45 4.89 21.08
CA THR A 994 -3.37 5.79 21.44
C THR A 994 -3.79 6.75 22.53
N PHE A 995 -5.01 7.28 22.45
CA PHE A 995 -5.51 8.17 23.50
C PHE A 995 -5.56 7.47 24.85
N ALA A 996 -6.10 6.24 24.88
CA ALA A 996 -6.19 5.52 26.15
C ALA A 996 -4.80 5.19 26.71
N ILE A 997 -3.87 4.79 25.84
CA ILE A 997 -2.52 4.48 26.30
C ILE A 997 -1.85 5.74 26.84
N GLN A 998 -2.09 6.89 26.21
CA GLN A 998 -1.52 8.14 26.74
C GLN A 998 -2.08 8.45 28.12
N ILE A 999 -3.38 8.25 28.32
CA ILE A 999 -3.97 8.49 29.64
C ILE A 999 -3.29 7.61 30.68
N VAL A 1000 -3.15 6.31 30.39
CA VAL A 1000 -2.57 5.41 31.38
C VAL A 1000 -1.09 5.72 31.62
N ILE A 1001 -0.37 6.13 30.57
CA ILE A 1001 1.04 6.48 30.72
C ILE A 1001 1.21 7.69 31.63
N VAL A 1002 0.37 8.72 31.44
CA VAL A 1002 0.49 9.91 32.27
C VAL A 1002 0.09 9.60 33.71
N GLN A 1003 -0.93 8.75 33.90
CA GLN A 1003 -1.43 8.55 35.26
C GLN A 1003 -0.57 7.56 36.04
N PHE A 1004 -0.49 6.31 35.60
CA PHE A 1004 0.19 5.26 36.36
C PHE A 1004 1.59 4.96 35.83
N GLY A 1005 2.20 5.93 35.19
CA GLY A 1005 3.44 5.78 34.47
C GLY A 1005 4.58 6.63 34.98
N GLY A 1006 4.86 6.59 36.28
CA GLY A 1006 5.55 7.68 36.92
C GLY A 1006 7.04 7.72 36.67
N LYS A 1007 7.87 7.58 37.70
CA LYS A 1007 9.30 7.88 37.58
C LYS A 1007 9.98 7.27 36.35
N PRO A 1008 9.72 6.03 35.94
CA PRO A 1008 10.37 5.53 34.72
C PRO A 1008 10.08 6.36 33.46
N PHE A 1009 8.86 6.89 33.33
CA PHE A 1009 8.48 7.67 32.15
C PHE A 1009 8.62 9.17 32.35
N SER A 1010 9.11 9.61 33.52
CA SER A 1010 9.27 11.04 33.84
C SER A 1010 7.94 11.79 33.78
N CYS A 1011 6.87 11.13 34.23
CA CYS A 1011 5.53 11.70 34.20
C CYS A 1011 4.95 11.72 35.60
N SER A 1012 4.39 12.86 35.99
CA SER A 1012 3.72 13.03 37.27
C SER A 1012 2.21 13.09 37.07
N PRO A 1013 1.43 12.47 37.97
CA PRO A 1013 -0.02 12.44 37.77
C PRO A 1013 -0.64 13.82 37.73
N LEU A 1014 -1.64 13.98 36.87
CA LEU A 1014 -2.33 15.26 36.67
C LEU A 1014 -3.75 15.16 37.20
N GLN A 1015 -4.31 16.32 37.54
CA GLN A 1015 -5.67 16.41 38.04
C GLN A 1015 -6.64 16.42 36.86
N LEU A 1016 -7.89 16.78 37.11
CA LEU A 1016 -8.89 16.78 36.05
C LEU A 1016 -8.85 18.04 35.21
N ASP A 1017 -8.66 19.21 35.84
CA ASP A 1017 -8.68 20.44 35.06
C ASP A 1017 -7.46 20.55 34.16
N GLN A 1018 -6.32 20.01 34.56
CA GLN A 1018 -5.16 20.02 33.68
C GLN A 1018 -5.37 19.14 32.46
N TRP A 1019 -6.00 17.97 32.64
CA TRP A 1019 -6.36 17.13 31.52
C TRP A 1019 -7.33 17.86 30.58
N MET A 1020 -8.32 18.54 31.16
CA MET A 1020 -9.28 19.26 30.32
C MET A 1020 -8.62 20.40 29.57
N TRP A 1021 -7.61 21.05 30.16
CA TRP A 1021 -6.90 22.09 29.44
C TRP A 1021 -6.07 21.53 28.30
N CYS A 1022 -5.46 20.35 28.50
CA CYS A 1022 -4.74 19.71 27.41
C CYS A 1022 -5.66 19.39 26.24
N ILE A 1023 -6.84 18.83 26.54
CA ILE A 1023 -7.81 18.53 25.49
C ILE A 1023 -8.31 19.81 24.83
N PHE A 1024 -8.45 20.90 25.61
CA PHE A 1024 -8.85 22.17 25.05
C PHE A 1024 -7.84 22.66 24.01
N ILE A 1025 -6.55 22.52 24.31
CA ILE A 1025 -5.53 22.96 23.37
C ILE A 1025 -5.51 22.08 22.10
N GLY A 1026 -5.74 20.77 22.26
CA GLY A 1026 -5.85 19.93 21.07
C GLY A 1026 -7.01 20.31 20.16
N LEU A 1027 -8.19 20.49 20.75
CA LEU A 1027 -9.31 20.93 19.93
C LEU A 1027 -9.05 22.29 19.32
N GLY A 1028 -8.29 23.14 20.02
CA GLY A 1028 -7.85 24.38 19.40
C GLY A 1028 -6.99 24.14 18.18
N GLU A 1029 -6.22 23.06 18.19
CA GLU A 1029 -5.47 22.69 16.98
C GLU A 1029 -6.41 22.37 15.83
N LEU A 1030 -7.52 21.68 16.13
CA LEU A 1030 -8.53 21.45 15.08
C LEU A 1030 -9.10 22.76 14.54
N VAL A 1031 -9.42 23.70 15.43
CA VAL A 1031 -9.98 24.98 15.01
C VAL A 1031 -8.95 25.78 14.21
N TRP A 1032 -7.67 25.69 14.59
CA TRP A 1032 -6.63 26.36 13.80
C TRP A 1032 -6.48 25.72 12.44
N GLY A 1033 -6.66 24.41 12.34
CA GLY A 1033 -6.70 23.78 11.03
C GLY A 1033 -7.83 24.34 10.19
N GLN A 1034 -8.98 24.60 10.81
CA GLN A 1034 -10.07 25.27 10.09
C GLN A 1034 -9.67 26.66 9.64
N VAL A 1035 -8.92 27.39 10.48
CA VAL A 1035 -8.50 28.75 10.13
C VAL A 1035 -7.53 28.74 8.96
N ILE A 1036 -6.53 27.86 9.01
CA ILE A 1036 -5.47 27.85 8.00
C ILE A 1036 -5.98 27.43 6.63
N ALA A 1037 -7.13 26.76 6.57
CA ALA A 1037 -7.66 26.30 5.28
C ALA A 1037 -8.17 27.44 4.42
N THR A 1038 -8.52 28.58 5.02
CA THR A 1038 -9.05 29.72 4.28
C THR A 1038 -7.94 30.68 3.85
N ILE A 1039 -6.89 30.14 3.24
CA ILE A 1039 -5.80 30.96 2.73
C ILE A 1039 -5.47 30.47 1.33
N PRO A 1040 -5.50 31.34 0.31
CA PRO A 1040 -5.20 30.91 -1.06
C PRO A 1040 -3.70 30.69 -1.23
N THR A 1041 -3.32 29.46 -1.62
CA THR A 1041 -1.90 29.15 -1.79
C THR A 1041 -1.30 29.87 -2.98
N SER A 1042 -2.11 30.37 -3.90
CA SER A 1042 -1.61 31.08 -5.07
C SER A 1042 -1.05 32.44 -4.68
N LYS B 147 35.14 6.69 91.99
CA LYS B 147 34.71 7.21 90.70
C LYS B 147 35.91 7.56 89.83
N PRO B 148 36.03 6.91 88.68
CA PRO B 148 37.13 7.21 87.76
C PRO B 148 37.09 8.66 87.30
N ARG B 149 38.28 9.25 87.14
CA ARG B 149 38.41 10.63 86.70
C ARG B 149 38.81 10.66 85.23
N ILE B 150 38.02 11.39 84.43
CA ILE B 150 38.26 11.52 83.00
C ILE B 150 38.46 13.00 82.69
N VAL B 151 39.58 13.32 82.06
CA VAL B 151 39.87 14.68 81.61
C VAL B 151 39.59 14.73 80.11
N THR B 152 38.72 15.64 79.70
CA THR B 152 38.26 15.73 78.32
C THR B 152 38.68 17.04 77.69
N SER B 153 38.81 17.03 76.37
CA SER B 153 39.16 18.24 75.64
C SER B 153 38.00 19.24 75.67
N GLU B 154 38.32 20.50 75.36
CA GLU B 154 37.33 21.55 75.40
C GLU B 154 36.34 21.40 74.25
N GLU B 155 35.18 22.03 74.40
CA GLU B 155 34.18 22.01 73.36
C GLU B 155 34.68 22.75 72.12
N VAL B 156 34.21 22.29 70.97
CA VAL B 156 34.68 22.80 69.69
C VAL B 156 33.47 23.29 68.88
N ILE B 157 33.61 24.47 68.30
CA ILE B 157 32.58 25.06 67.44
C ILE B 157 33.02 24.82 65.99
N ILE B 158 32.23 24.04 65.27
CA ILE B 158 32.55 23.71 63.88
C ILE B 158 32.23 24.91 63.00
N ARG B 159 33.25 25.50 62.40
CA ARG B 159 33.09 26.53 61.40
C ARG B 159 33.31 25.95 60.01
N GLU B 160 33.34 26.83 59.00
CA GLU B 160 33.56 26.38 57.63
C GLU B 160 35.01 26.02 57.35
N SER B 161 35.90 26.16 58.33
CA SER B 161 37.29 25.78 58.15
C SER B 161 37.42 24.28 57.94
N LEU B 162 38.40 23.89 57.12
CA LEU B 162 38.61 22.50 56.76
C LEU B 162 39.58 21.77 57.68
N LEU B 163 40.06 22.44 58.73
CA LEU B 163 41.03 21.81 59.62
C LEU B 163 40.39 20.66 60.38
N PRO B 164 41.04 19.49 60.44
CA PRO B 164 40.49 18.39 61.22
C PRO B 164 40.43 18.73 62.71
N VAL B 165 39.45 18.14 63.39
CA VAL B 165 39.21 18.38 64.80
C VAL B 165 39.45 17.09 65.57
N THR B 166 40.22 17.17 66.64
CA THR B 166 40.55 16.02 67.47
C THR B 166 39.89 16.17 68.84
N LEU B 167 39.16 15.15 69.26
CA LEU B 167 38.54 15.09 70.57
C LEU B 167 39.27 14.07 71.42
N GLN B 168 39.57 14.43 72.66
CA GLN B 168 40.47 13.67 73.52
C GLN B 168 39.80 13.36 74.86
N CYS B 169 39.97 12.12 75.33
CA CYS B 169 39.68 11.78 76.72
C CYS B 169 40.86 11.04 77.33
N ASN B 170 41.11 11.32 78.61
CA ASN B 170 42.20 10.71 79.36
C ASN B 170 41.63 10.16 80.66
N LEU B 171 41.77 8.86 80.87
CA LEU B 171 41.36 8.22 82.12
C LEU B 171 42.49 8.38 83.12
N THR B 172 42.48 9.53 83.82
CA THR B 172 43.61 9.90 84.67
C THR B 172 43.67 9.12 85.97
N SER B 173 42.52 8.66 86.49
CA SER B 173 42.48 7.97 87.77
C SER B 173 41.50 6.81 87.67
N SER B 174 42.00 5.59 87.84
CA SER B 174 41.14 4.41 87.81
C SER B 174 41.90 3.25 88.43
N SER B 175 41.30 2.64 89.46
CA SER B 175 41.90 1.49 90.14
C SER B 175 41.35 0.16 89.65
N HIS B 176 40.50 0.17 88.62
CA HIS B 176 39.86 -1.03 88.11
C HIS B 176 40.57 -1.51 86.84
N THR B 177 40.50 -2.82 86.61
CA THR B 177 41.01 -3.40 85.37
C THR B 177 40.08 -3.00 84.23
N LEU B 178 40.53 -2.06 83.40
CA LEU B 178 39.73 -1.61 82.26
C LEU B 178 39.60 -2.73 81.24
N MET B 179 38.40 -2.88 80.66
CA MET B 179 38.17 -3.90 79.65
C MET B 179 38.27 -3.35 78.24
N TYR B 180 37.64 -2.20 77.98
CA TYR B 180 37.65 -1.57 76.66
C TYR B 180 37.02 -0.19 76.78
N SER B 181 37.05 0.55 75.67
CA SER B 181 36.50 1.91 75.61
C SER B 181 36.02 2.18 74.19
N TYR B 182 35.14 3.17 74.05
CA TYR B 182 34.58 3.49 72.75
C TYR B 182 34.00 4.89 72.78
N TRP B 183 33.94 5.51 71.59
CA TRP B 183 33.23 6.77 71.40
C TRP B 183 31.78 6.49 71.06
N THR B 184 30.91 7.41 71.48
CA THR B 184 29.51 7.40 71.13
C THR B 184 29.08 8.81 70.73
N ARG B 185 28.17 8.89 69.77
CA ARG B 185 27.58 10.15 69.35
C ARG B 185 26.07 10.01 69.37
N ASN B 186 25.40 10.83 70.19
CA ASN B 186 23.95 10.80 70.32
C ASN B 186 23.45 9.41 70.72
N GLY B 187 24.22 8.73 71.58
CA GLY B 187 23.86 7.41 72.03
C GLY B 187 24.18 6.27 71.09
N VAL B 188 24.82 6.56 69.96
CA VAL B 188 25.16 5.56 68.95
C VAL B 188 26.66 5.36 68.98
N GLU B 189 27.10 4.12 69.18
CA GLU B 189 28.52 3.83 69.22
C GLU B 189 29.13 4.01 67.83
N LEU B 190 30.22 4.77 67.77
CA LEU B 190 30.92 4.96 66.51
C LEU B 190 31.66 3.68 66.14
N THR B 191 31.73 3.42 64.83
CA THR B 191 32.33 2.18 64.34
C THR B 191 33.84 2.20 64.52
N ALA B 192 34.40 1.03 64.86
CA ALA B 192 35.85 0.82 64.96
C ALA B 192 36.48 1.77 65.96
N THR B 193 35.85 1.91 67.13
CA THR B 193 36.39 2.73 68.21
C THR B 193 36.65 1.94 69.49
N ARG B 194 36.70 0.61 69.41
CA ARG B 194 36.90 -0.23 70.59
C ARG B 194 38.32 -0.78 70.59
N LYS B 195 39.13 -0.29 71.54
CA LYS B 195 40.50 -0.76 71.72
C LYS B 195 40.79 -0.78 73.22
N ASN B 196 42.06 -0.96 73.58
CA ASN B 196 42.49 -0.81 74.97
C ASN B 196 42.23 0.63 75.42
N ALA B 197 42.96 1.56 74.81
CA ALA B 197 42.69 2.99 74.85
C ALA B 197 42.43 3.49 76.28
N SER B 198 43.46 3.38 77.11
CA SER B 198 43.42 4.06 78.41
C SER B 198 43.36 5.57 78.24
N ASN B 199 43.79 6.07 77.09
CA ASN B 199 43.55 7.44 76.64
C ASN B 199 43.11 7.36 75.19
N MET B 200 41.98 7.98 74.86
CA MET B 200 41.35 7.73 73.58
C MET B 200 41.14 9.03 72.80
N GLU B 201 41.32 8.93 71.48
CA GLU B 201 41.31 10.05 70.55
C GLU B 201 40.32 9.76 69.43
N TYR B 202 39.63 10.80 68.96
CA TYR B 202 38.79 10.66 67.77
C TYR B 202 39.03 11.86 66.89
N ARG B 203 39.27 11.63 65.60
CA ARG B 203 39.64 12.67 64.66
C ARG B 203 38.59 12.80 63.56
N ILE B 204 38.16 14.03 63.29
CA ILE B 204 37.28 14.34 62.18
C ILE B 204 38.10 15.07 61.14
N ASN B 205 38.28 14.44 59.98
CA ASN B 205 39.13 15.05 58.94
C ASN B 205 38.44 16.18 58.20
N LYS B 206 37.12 16.10 57.99
CA LYS B 206 36.34 17.14 57.33
C LYS B 206 35.13 17.46 58.21
N PRO B 207 35.32 18.26 59.26
CA PRO B 207 34.19 18.58 60.15
C PRO B 207 33.11 19.36 59.42
N ARG B 208 31.86 18.90 59.57
CA ARG B 208 30.70 19.56 59.00
C ARG B 208 29.63 19.68 60.08
N ALA B 209 28.55 20.40 59.74
CA ALA B 209 27.45 20.55 60.68
C ALA B 209 26.79 19.20 60.98
N GLU B 210 26.88 18.25 60.06
CA GLU B 210 26.32 16.92 60.30
C GLU B 210 27.14 16.12 61.31
N ASP B 211 28.40 16.50 61.54
CA ASP B 211 29.21 15.81 62.54
C ASP B 211 28.90 16.28 63.95
N SER B 212 28.48 17.53 64.12
CA SER B 212 28.30 18.09 65.45
C SER B 212 27.24 17.32 66.22
N GLY B 213 27.49 17.14 67.51
CA GLY B 213 26.58 16.41 68.36
C GLY B 213 27.16 16.23 69.74
N GLU B 214 26.39 15.52 70.58
CA GLU B 214 26.77 15.28 71.97
C GLU B 214 27.61 14.01 72.02
N TYR B 215 28.93 14.18 72.04
CA TYR B 215 29.83 13.04 72.04
C TYR B 215 30.11 12.57 73.47
N HIS B 216 30.40 11.28 73.59
CA HIS B 216 30.78 10.67 74.86
C HIS B 216 31.86 9.64 74.59
N CYS B 217 32.71 9.42 75.59
CA CYS B 217 33.72 8.36 75.53
C CYS B 217 33.51 7.44 76.73
N VAL B 218 32.89 6.30 76.47
CA VAL B 218 32.44 5.39 77.51
C VAL B 218 33.56 4.40 77.84
N TYR B 219 33.79 4.19 79.13
CA TYR B 219 34.86 3.33 79.63
C TYR B 219 34.22 2.14 80.34
N HIS B 220 34.38 0.94 79.77
CA HIS B 220 33.80 -0.25 80.37
C HIS B 220 34.89 -1.01 81.12
N PHE B 221 34.63 -1.34 82.38
CA PHE B 221 35.59 -2.01 83.22
C PHE B 221 35.14 -3.45 83.48
N VAL B 222 36.08 -4.26 83.97
CA VAL B 222 35.78 -5.66 84.28
C VAL B 222 34.75 -5.74 85.40
N SER B 223 34.92 -4.94 86.44
CA SER B 223 34.04 -5.01 87.61
C SER B 223 33.67 -3.64 88.14
N ALA B 224 33.57 -2.64 87.26
CA ALA B 224 33.18 -1.31 87.67
C ALA B 224 32.14 -0.73 86.73
N PRO B 225 31.26 0.14 87.23
CA PRO B 225 30.29 0.79 86.35
C PRO B 225 30.98 1.68 85.32
N LYS B 226 30.35 1.82 84.16
CA LYS B 226 30.94 2.60 83.08
C LYS B 226 30.95 4.07 83.41
N ALA B 227 31.99 4.76 82.93
CA ALA B 227 32.09 6.21 83.01
C ALA B 227 32.02 6.78 81.60
N ASN B 228 31.14 7.75 81.39
CA ASN B 228 30.83 8.22 80.04
C ASN B 228 31.41 9.58 79.72
N ALA B 229 31.20 10.57 80.58
CA ALA B 229 31.59 11.96 80.33
C ALA B 229 30.93 12.50 79.07
N THR B 230 31.22 13.74 78.72
CA THR B 230 30.57 14.36 77.56
C THR B 230 31.46 15.44 76.98
N ILE B 231 31.64 15.40 75.67
CA ILE B 231 32.28 16.48 74.91
C ILE B 231 31.27 16.92 73.87
N GLU B 232 30.72 18.12 74.04
CA GLU B 232 29.74 18.64 73.12
C GLU B 232 30.43 19.38 71.99
N VAL B 233 30.03 19.07 70.76
CA VAL B 233 30.60 19.68 69.57
C VAL B 233 29.52 20.57 68.98
N LYS B 234 29.63 21.87 69.24
CA LYS B 234 28.57 22.78 68.82
C LYS B 234 28.81 23.27 67.39
N ALA B 235 27.72 23.59 66.71
CA ALA B 235 27.75 24.10 65.34
C ALA B 235 26.37 24.62 65.01
N ALA B 236 26.31 25.57 64.07
CA ALA B 236 25.06 26.16 63.67
C ALA B 236 24.18 25.11 62.97
N PRO B 237 22.85 25.24 63.09
CA PRO B 237 21.96 24.27 62.46
C PRO B 237 21.78 24.58 60.98
N ASP B 238 21.39 23.54 60.24
CA ASP B 238 21.16 23.66 58.81
C ASP B 238 19.95 22.83 58.43
N ILE B 239 19.03 23.43 57.68
CA ILE B 239 17.83 22.73 57.24
C ILE B 239 18.20 21.79 56.10
N THR B 240 17.95 20.50 56.29
CA THR B 240 18.33 19.51 55.30
C THR B 240 17.16 19.01 54.47
N GLY B 241 15.94 19.20 54.93
CA GLY B 241 14.79 18.70 54.20
C GLY B 241 13.53 19.51 54.37
N HIS B 242 12.86 19.76 53.25
CA HIS B 242 11.56 20.43 53.26
C HIS B 242 10.91 20.18 51.90
N LYS B 243 9.62 20.50 51.81
CA LYS B 243 8.88 20.33 50.57
C LYS B 243 8.74 21.69 49.89
N ARG B 244 9.03 21.73 48.59
CA ARG B 244 9.08 23.01 47.88
C ARG B 244 7.72 23.70 47.84
N SER B 245 6.66 22.93 47.63
CA SER B 245 5.32 23.49 47.60
C SER B 245 4.32 22.42 48.04
N GLU B 246 3.15 22.88 48.48
CA GLU B 246 2.09 22.01 48.94
C GLU B 246 0.79 22.45 48.29
N ASN B 247 0.29 21.64 47.35
CA ASN B 247 -0.96 21.93 46.65
C ASN B 247 -2.04 21.00 47.17
N LYS B 248 -3.17 21.57 47.59
CA LYS B 248 -4.22 20.80 48.21
C LYS B 248 -5.57 21.40 47.84
N ASN B 249 -6.60 20.56 47.82
CA ASN B 249 -7.95 21.01 47.56
C ASN B 249 -8.56 21.64 48.80
N GLU B 250 -9.44 22.62 48.60
CA GLU B 250 -10.09 23.27 49.72
C GLU B 250 -10.99 22.27 50.46
N GLY B 251 -11.07 22.45 51.78
CA GLY B 251 -11.74 21.47 52.59
C GLY B 251 -10.94 20.23 52.88
N GLN B 252 -9.61 20.33 52.87
CA GLN B 252 -8.73 19.20 53.14
C GLN B 252 -7.63 19.65 54.09
N ASP B 253 -6.82 18.69 54.51
CA ASP B 253 -5.72 18.97 55.43
C ASP B 253 -4.42 19.24 54.67
N ALA B 254 -3.54 20.01 55.31
CA ALA B 254 -2.24 20.35 54.74
C ALA B 254 -1.16 20.10 55.77
N MET B 255 -0.01 19.58 55.30
CA MET B 255 1.10 19.21 56.16
C MET B 255 2.40 19.77 55.60
N MET B 256 3.17 20.43 56.45
CA MET B 256 4.47 20.97 56.08
C MET B 256 5.49 20.66 57.17
N TYR B 257 6.74 20.41 56.79
CA TYR B 257 7.77 20.04 57.74
C TYR B 257 9.10 20.66 57.37
N CYS B 258 9.99 20.75 58.36
CA CYS B 258 11.34 21.32 58.19
C CYS B 258 12.29 20.53 59.10
N LYS B 259 12.97 19.54 58.52
CA LYS B 259 13.95 18.78 59.29
C LYS B 259 15.34 19.36 59.11
N SER B 260 16.15 19.27 60.16
CA SER B 260 17.42 19.96 60.18
C SER B 260 18.45 19.14 60.94
N VAL B 261 19.71 19.56 60.81
CA VAL B 261 20.85 18.91 61.44
C VAL B 261 21.63 19.95 62.22
N GLY B 262 22.12 19.57 63.39
CA GLY B 262 22.95 20.45 64.18
C GLY B 262 22.92 20.03 65.64
N TYR B 263 23.62 20.83 66.46
CA TYR B 263 23.61 20.66 67.90
C TYR B 263 24.23 21.90 68.54
N PRO B 264 23.67 22.41 69.64
CA PRO B 264 22.47 21.95 70.37
C PRO B 264 21.20 22.07 69.53
N HIS B 265 20.23 21.21 69.79
CA HIS B 265 19.03 21.14 68.97
C HIS B 265 18.28 22.47 68.98
N PRO B 266 17.64 22.85 67.87
CA PRO B 266 17.11 24.21 67.74
C PRO B 266 15.70 24.38 68.28
N GLU B 267 15.20 25.61 68.21
CA GLU B 267 13.82 25.93 68.60
C GLU B 267 13.06 26.34 67.35
N TRP B 268 12.03 25.57 67.01
CA TRP B 268 11.31 25.74 65.76
C TRP B 268 10.16 26.72 65.96
N ILE B 269 10.22 27.84 65.22
CA ILE B 269 9.09 28.77 65.16
C ILE B 269 8.78 29.02 63.69
N TRP B 270 7.49 29.18 63.41
CA TRP B 270 7.01 29.36 62.04
C TRP B 270 6.60 30.82 61.81
N ARG B 271 6.60 31.21 60.55
CA ARG B 271 6.18 32.55 60.16
C ARG B 271 5.41 32.48 58.85
N LYS B 272 4.69 33.57 58.57
CA LYS B 272 3.90 33.69 57.35
C LYS B 272 4.20 35.02 56.69
N LYS B 273 4.47 35.00 55.39
CA LYS B 273 4.85 36.21 54.68
C LYS B 273 3.61 37.01 54.30
N GLU B 274 3.48 38.20 54.85
CA GLU B 274 2.38 39.12 54.55
C GLU B 274 2.96 40.47 54.17
N ASN B 275 2.40 41.08 53.13
CA ASN B 275 2.80 42.39 52.59
C ASN B 275 4.31 42.57 52.55
N GLY B 276 5.04 41.52 52.16
CA GLY B 276 6.47 41.62 51.94
C GLY B 276 7.34 41.36 53.15
N VAL B 277 6.77 41.18 54.34
CA VAL B 277 7.54 40.94 55.55
C VAL B 277 6.92 39.74 56.28
N PHE B 278 7.75 39.03 57.04
CA PHE B 278 7.33 37.79 57.69
C PHE B 278 6.77 38.09 59.06
N GLU B 279 5.50 37.76 59.27
CA GLU B 279 4.83 37.94 60.54
C GLU B 279 4.73 36.60 61.26
N GLU B 280 4.26 36.63 62.50
CA GLU B 280 4.10 35.43 63.30
C GLU B 280 2.78 34.75 62.98
N ILE B 281 2.78 33.42 63.08
CA ILE B 281 1.57 32.66 62.83
C ILE B 281 0.55 32.95 63.92
N SER B 282 -0.74 32.88 63.57
CA SER B 282 -1.81 33.20 64.49
C SER B 282 -2.84 32.07 64.46
N ASN B 283 -3.27 31.64 65.64
CA ASN B 283 -4.20 30.54 65.79
C ASN B 283 -5.64 31.01 65.88
N SER B 284 -5.99 32.08 65.15
CA SER B 284 -7.22 32.85 65.30
C SER B 284 -8.46 32.09 64.89
N SER B 285 -8.34 30.82 64.53
CA SER B 285 -9.51 29.97 64.35
C SER B 285 -9.31 28.57 64.90
N GLY B 286 -8.19 28.28 65.55
CA GLY B 286 -7.95 26.94 66.06
C GLY B 286 -7.69 25.90 65.01
N ARG B 287 -7.29 26.30 63.81
CA ARG B 287 -7.05 25.38 62.70
C ARG B 287 -5.56 25.17 62.41
N PHE B 288 -4.68 25.66 63.28
CA PHE B 288 -3.24 25.53 63.09
C PHE B 288 -2.67 24.64 64.18
N PHE B 289 -1.87 23.65 63.79
CA PHE B 289 -1.24 22.74 64.73
C PHE B 289 0.26 22.73 64.49
N ILE B 290 1.04 23.01 65.52
CA ILE B 290 2.49 23.06 65.43
C ILE B 290 3.07 22.03 66.41
N THR B 291 3.89 21.13 65.90
CA THR B 291 4.59 20.15 66.72
C THR B 291 6.09 20.36 66.58
N ASN B 292 6.79 20.32 67.71
CA ASN B 292 8.23 20.59 67.78
C ASN B 292 8.96 19.37 68.33
N LYS B 293 10.07 19.02 67.69
CA LYS B 293 10.91 17.91 68.11
C LYS B 293 12.36 18.38 68.00
N GLU B 294 13.30 17.43 68.15
CA GLU B 294 14.70 17.80 67.96
C GLU B 294 14.98 18.22 66.52
N ASN B 295 14.88 17.32 65.54
CA ASN B 295 14.93 17.85 64.19
C ASN B 295 13.53 18.24 63.71
N TYR B 296 12.62 17.27 63.68
CA TYR B 296 11.34 17.45 63.01
C TYR B 296 10.52 18.57 63.63
N THR B 297 9.95 19.41 62.77
CA THR B 297 8.84 20.28 63.13
C THR B 297 7.74 20.06 62.11
N GLU B 298 6.50 20.23 62.53
CA GLU B 298 5.39 19.93 61.65
C GLU B 298 4.27 20.94 61.86
N LEU B 299 3.82 21.55 60.77
CA LEU B 299 2.69 22.46 60.77
C LEU B 299 1.56 21.82 59.97
N SER B 300 0.38 21.75 60.60
CA SER B 300 -0.79 21.13 60.02
C SER B 300 -1.95 22.11 60.01
N ILE B 301 -2.69 22.13 58.90
CA ILE B 301 -3.85 22.99 58.73
C ILE B 301 -5.05 22.12 58.36
N VAL B 302 -6.20 22.45 58.95
CA VAL B 302 -7.43 21.71 58.73
C VAL B 302 -8.49 22.66 58.19
N ASN B 303 -9.30 22.16 57.24
CA ASN B 303 -10.38 22.93 56.63
C ASN B 303 -9.84 24.19 55.96
N LEU B 304 -9.05 23.97 54.92
CA LEU B 304 -8.38 25.05 54.22
C LEU B 304 -9.39 26.04 53.65
N GLN B 305 -9.09 27.32 53.77
CA GLN B 305 -9.91 28.39 53.22
C GLN B 305 -9.14 29.06 52.08
N ILE B 306 -9.79 29.16 50.92
CA ILE B 306 -9.11 29.63 49.72
C ILE B 306 -8.71 31.10 49.87
N THR B 307 -9.53 31.90 50.55
CA THR B 307 -9.31 33.33 50.61
C THR B 307 -8.21 33.74 51.59
N GLU B 308 -7.87 32.90 52.56
CA GLU B 308 -6.94 33.29 53.62
C GLU B 308 -5.68 32.46 53.66
N ASP B 309 -5.79 31.14 53.62
CA ASP B 309 -4.63 30.28 53.86
C ASP B 309 -3.50 30.41 52.85
N PRO B 310 -3.72 30.46 51.54
CA PRO B 310 -2.59 30.36 50.60
C PRO B 310 -1.52 31.42 50.84
N GLY B 311 -0.27 31.01 50.71
CA GLY B 311 0.86 31.89 50.99
C GLY B 311 2.10 31.09 51.27
N GLU B 312 3.17 31.81 51.61
CA GLU B 312 4.47 31.20 51.84
C GLU B 312 4.83 31.25 53.31
N TYR B 313 5.20 30.09 53.86
CA TYR B 313 5.52 29.91 55.28
C TYR B 313 7.00 29.60 55.44
N GLU B 314 7.55 29.87 56.63
CA GLU B 314 9.00 29.80 56.82
C GLU B 314 9.32 29.31 58.23
N CYS B 315 9.92 28.12 58.31
CA CYS B 315 10.52 27.63 59.56
C CYS B 315 11.77 28.44 59.90
N ASN B 316 12.21 28.39 61.17
CA ASN B 316 13.21 29.39 61.52
C ASN B 316 14.45 28.87 62.24
N ALA B 317 14.42 27.70 62.88
CA ALA B 317 15.62 26.98 63.29
C ALA B 317 16.72 27.81 63.96
N THR B 318 16.51 28.29 65.18
CA THR B 318 17.49 29.12 65.87
C THR B 318 18.36 28.29 66.82
N ASN B 319 19.59 28.76 67.03
CA ASN B 319 20.54 28.11 67.92
C ASN B 319 21.62 29.11 68.32
N SER B 320 22.26 28.86 69.47
CA SER B 320 23.28 29.73 70.04
C SER B 320 24.39 30.08 69.04
N ILE B 321 24.65 29.18 68.09
CA ILE B 321 25.68 29.43 67.09
C ILE B 321 25.14 30.28 65.94
N GLY B 322 23.93 30.00 65.49
CA GLY B 322 23.35 30.76 64.40
C GLY B 322 21.96 30.27 64.08
N SER B 323 21.43 30.74 62.96
CA SER B 323 20.08 30.42 62.55
C SER B 323 20.02 30.25 61.03
N ALA B 324 19.08 29.44 60.58
CA ALA B 324 18.85 29.19 59.16
C ALA B 324 17.36 29.03 58.91
N SER B 325 16.96 29.24 57.67
CA SER B 325 15.54 29.22 57.34
C SER B 325 15.34 28.92 55.86
N VAL B 326 14.19 28.29 55.56
CA VAL B 326 13.76 28.00 54.21
C VAL B 326 12.25 28.28 54.12
N SER B 327 11.70 28.18 52.91
CA SER B 327 10.34 28.61 52.66
C SER B 327 9.55 27.52 51.94
N THR B 328 8.22 27.59 52.07
CA THR B 328 7.31 26.63 51.46
C THR B 328 6.06 27.37 51.01
N VAL B 329 5.60 27.08 49.80
CA VAL B 329 4.45 27.76 49.22
C VAL B 329 3.23 26.84 49.30
N LEU B 330 2.16 27.32 49.93
CA LEU B 330 0.92 26.59 50.06
C LEU B 330 -0.13 27.20 49.15
N ARG B 331 -0.77 26.36 48.35
CA ARG B 331 -1.79 26.75 47.38
C ARG B 331 -3.05 25.94 47.62
N VAL B 332 -4.19 26.61 47.58
CA VAL B 332 -5.49 25.97 47.79
C VAL B 332 -6.30 26.11 46.51
N ARG B 333 -6.76 24.99 45.98
CA ARG B 333 -7.41 24.94 44.67
C ARG B 333 -8.92 24.98 44.82
N SER B 334 -9.56 25.82 44.01
CA SER B 334 -11.00 25.99 44.06
C SER B 334 -11.73 24.73 43.59
N HIS B 335 -12.98 24.60 44.01
CA HIS B 335 -13.77 23.44 43.65
C HIS B 335 -14.30 23.53 42.22
N LEU B 336 -14.53 24.74 41.71
CA LEU B 336 -15.04 24.94 40.36
C LEU B 336 -13.93 24.96 39.32
N ALA B 337 -12.76 24.42 39.63
CA ALA B 337 -11.67 24.39 38.66
C ALA B 337 -12.00 23.57 37.42
N PRO B 338 -12.55 22.36 37.49
CA PRO B 338 -12.78 21.58 36.28
C PRO B 338 -13.98 22.02 35.45
N LEU B 339 -14.54 23.19 35.71
CA LEU B 339 -15.69 23.67 34.96
C LEU B 339 -15.32 24.67 33.89
N TRP B 340 -14.34 25.53 34.13
CA TRP B 340 -13.94 26.51 33.12
C TRP B 340 -13.40 25.86 31.85
N PRO B 341 -12.49 24.89 31.90
CA PRO B 341 -12.08 24.23 30.64
C PRO B 341 -13.22 23.53 29.94
N PHE B 342 -14.15 22.94 30.69
CA PHE B 342 -15.28 22.26 30.06
C PHE B 342 -16.11 23.24 29.26
N LEU B 343 -16.42 24.40 29.83
CA LEU B 343 -17.11 25.45 29.08
C LEU B 343 -16.30 25.87 27.87
N GLY B 344 -14.97 25.77 27.95
CA GLY B 344 -14.16 26.02 26.76
C GLY B 344 -14.37 24.96 25.69
N ILE B 345 -14.37 23.68 26.09
CA ILE B 345 -14.45 22.61 25.10
C ILE B 345 -15.75 22.71 24.33
N LEU B 346 -16.86 22.94 25.03
CA LEU B 346 -18.13 23.12 24.34
C LEU B 346 -18.06 24.29 23.37
N ALA B 347 -17.44 25.39 23.79
CA ALA B 347 -17.35 26.56 22.92
C ALA B 347 -16.49 26.30 21.70
N GLU B 348 -15.72 25.20 21.68
CA GLU B 348 -15.00 24.82 20.48
C GLU B 348 -15.77 23.86 19.63
N ILE B 349 -16.62 23.03 20.24
CA ILE B 349 -17.43 22.10 19.44
C ILE B 349 -18.53 22.84 18.71
N ILE B 350 -19.28 23.69 19.40
CA ILE B 350 -20.43 24.36 18.79
C ILE B 350 -20.03 25.46 17.82
N ILE B 351 -18.73 25.73 17.65
CA ILE B 351 -18.26 26.55 16.54
C ILE B 351 -17.45 25.75 15.53
N LEU B 352 -17.05 24.53 15.87
CA LEU B 352 -16.49 23.63 14.88
C LEU B 352 -17.58 22.98 14.04
N VAL B 353 -18.74 22.72 14.64
CA VAL B 353 -19.87 22.21 13.90
C VAL B 353 -20.42 23.27 12.95
N VAL B 354 -20.59 24.49 13.46
CA VAL B 354 -21.25 25.55 12.69
C VAL B 354 -20.48 25.84 11.41
N ILE B 355 -19.14 25.86 11.49
CA ILE B 355 -18.35 26.09 10.29
C ILE B 355 -18.56 24.98 9.27
N ILE B 356 -18.67 23.73 9.74
CA ILE B 356 -18.76 22.61 8.82
C ILE B 356 -20.12 22.59 8.13
N VAL B 357 -21.20 22.67 8.90
CA VAL B 357 -22.53 22.50 8.32
C VAL B 357 -22.87 23.67 7.42
N VAL B 358 -22.37 24.88 7.72
CA VAL B 358 -22.55 26.00 6.81
C VAL B 358 -21.79 25.76 5.51
N TYR B 359 -20.63 25.11 5.59
CA TYR B 359 -19.86 24.80 4.39
C TYR B 359 -20.59 23.82 3.48
N GLU B 360 -21.56 23.07 4.01
CA GLU B 360 -22.34 22.14 3.22
C GLU B 360 -23.74 22.70 2.93
#